data_3LQA
#
_entry.id   3LQA
#
_cell.length_a   93.730
_cell.length_b   187.930
_cell.length_c   151.670
_cell.angle_alpha   90.000
_cell.angle_beta   90.000
_cell.angle_gamma   90.000
#
_symmetry.space_group_name_H-M   'C 2 2 21'
#
loop_
_entity.id
_entity.type
_entity.pdbx_description
1 polymer 'T-cell surface glycoprotein CD4'
2 polymer 'Envelope glycoprotein gp160'
3 polymer 'Heavy chain of anti HIV Fab from human 21c antibody'
4 polymer 'Light chain of anti HIV Fab from human 21c antibody'
5 non-polymer 2-acetamido-2-deoxy-beta-D-glucopyranose
#
loop_
_entity_poly.entity_id
_entity_poly.type
_entity_poly.pdbx_seq_one_letter_code
_entity_poly.pdbx_strand_id
1 'polypeptide(L)'
;KKVVLGKKGDTVELTCTASQKKSIQFHWKNSNQIKILGNQGSFLTKGPSKLNDRADSRRSLWDQGNFPLIIKNLKIEDSD
TYICEVEDQKEEVQLLVFGLTANSDTHLLQGQSLTLTLESPPGSSPSVQCRSPRGKNIQGGKTLSVSQLELQDSGTWTCT
VLQNQKKVEFKIDIVVLAFQKAIDGRHHHHHH
;
C
2 'polypeptide(L)'
;EIVLENVIENFNMWKNDMVDQMHQDIISLWDQSLKPCVKLTPLCVGAGNCNTSTIAQACPKVSFDPIPIHYCAPAGYAIL
KCNDKTFNGIGPCNNVSTVQCTHGIKPVVSTQLLLNGSLAEEEVVIRSENISNNVKTIIVHLTESVNITCIGAGHCNINE
KAWNETLKKVVEKLVKYFPNKTIEFAPPVGGDLEITTHSFNCGGEFFYCNTTKLFNSIHNSTDSTVNSTDSTAETGNSTN
TNITLPCRIRQIINMWQEVGRAMYAPPSKGNITCISDITGLLLTRDGGENKTENNDTEIFRPGGGDMKDNWRSELYKYKV
VEIKSGHHHHHH
;
G
3 'polypeptide(L)'
;QVQVVQSGAEVRKPGASVKVSCKVSGFTLTGLSIHWVRQAPGKGLEWMGGFGPEENEIIYAQKFQGRVSMTEDTSTNTAY
MELSSLRSEDTAVYYCATGGNYYNLWTGYYPLAYWGQGTLVTVSSASTKGPSVFPLAPSSKSTSGGTAALGCLVKDYFPE
PVTVSWNSGALTSGVHTFPAVLQSSGLYSLSSVVTVPSSSLGTQTYICNVNHKPSNTKVDKKVEPKSCDKT
;
H
4 'polypeptide(L)'
;QSVLTQPPSVSAAPGQKVTISCSGSSSNIGKNYVSWYQQLPGAAPKLLIFDDTQRPSGIPDRFSGSKSGTSATLAITGLQ
TGDEADYYCGTWDSSLSTGQLFGGGTKLTVLGQPKAAPSVTLFPPSSEELQANKATLVCLISDFYPGAVTVAWKADSSPV
KAGVETTTPSKQSNNKYAASSYLSLTPEQWKSHRSYSCQVTHEGSTVEKTMAHAECS
;
L
#
loop_
_chem_comp.id
_chem_comp.type
_chem_comp.name
_chem_comp.formula
NAG D-saccharide, beta linking 2-acetamido-2-deoxy-beta-D-glucopyranose 'C8 H15 N O6'
#
# COMPACT_ATOMS: atom_id res chain seq x y z
N LYS A 2 17.87 -15.89 -27.68
CA LYS A 2 17.45 -14.48 -27.30
C LYS A 2 17.72 -14.12 -25.82
N VAL A 3 18.77 -13.31 -25.59
CA VAL A 3 19.20 -13.00 -24.25
C VAL A 3 19.22 -11.57 -23.71
N VAL A 4 18.63 -11.37 -22.52
CA VAL A 4 18.75 -10.06 -21.86
C VAL A 4 19.20 -10.36 -20.43
N LEU A 5 19.75 -9.32 -19.85
CA LEU A 5 20.37 -9.33 -18.54
C LEU A 5 19.68 -8.36 -17.57
N GLY A 6 19.49 -8.73 -16.30
CA GLY A 6 18.85 -7.82 -15.38
C GLY A 6 19.73 -7.74 -14.17
N LYS A 7 19.84 -6.55 -13.59
CA LYS A 7 20.66 -6.25 -12.40
C LYS A 7 20.02 -6.88 -11.17
N LYS A 8 20.81 -7.27 -10.19
CA LYS A 8 20.22 -7.82 -8.99
C LYS A 8 19.43 -6.82 -8.17
N GLY A 9 18.28 -7.25 -7.71
CA GLY A 9 17.42 -6.49 -6.83
C GLY A 9 16.42 -5.64 -7.59
N ASP A 10 16.64 -5.59 -8.91
CA ASP A 10 15.86 -4.80 -9.87
C ASP A 10 14.67 -5.46 -10.49
N THR A 11 14.01 -4.73 -11.34
CA THR A 11 12.81 -5.24 -11.92
C THR A 11 13.02 -5.27 -13.42
N VAL A 12 12.69 -6.47 -13.95
CA VAL A 12 12.89 -6.93 -15.36
C VAL A 12 11.67 -7.50 -15.98
N GLU A 13 11.52 -7.13 -17.24
CA GLU A 13 10.40 -7.62 -17.97
C GLU A 13 10.68 -8.40 -19.28
N LEU A 14 10.07 -9.57 -19.42
CA LEU A 14 10.21 -10.43 -20.59
C LEU A 14 8.98 -10.22 -21.46
N THR A 15 9.19 -10.08 -22.76
CA THR A 15 8.14 -9.73 -23.73
C THR A 15 7.54 -10.84 -24.59
N CYS A 16 6.23 -10.90 -24.62
CA CYS A 16 5.50 -11.86 -25.45
C CYS A 16 4.52 -11.23 -26.48
N THR A 17 4.60 -11.69 -27.74
CA THR A 17 3.78 -11.22 -28.85
C THR A 17 2.85 -12.19 -29.62
N ALA A 18 1.59 -11.82 -29.81
CA ALA A 18 0.62 -12.64 -30.51
C ALA A 18 0.47 -12.05 -31.91
N SER A 19 -0.03 -12.89 -32.80
CA SER A 19 -0.17 -12.66 -34.23
C SER A 19 -1.04 -11.49 -34.60
N GLN A 20 -2.14 -11.30 -33.88
CA GLN A 20 -2.98 -10.15 -34.18
C GLN A 20 -3.22 -9.49 -32.84
N LYS A 21 -3.55 -8.20 -32.87
CA LYS A 21 -3.64 -7.47 -31.62
C LYS A 21 -5.02 -7.86 -31.09
N LYS A 22 -4.99 -9.08 -30.53
CA LYS A 22 -6.14 -9.75 -29.93
C LYS A 22 -5.91 -10.53 -28.65
N SER A 23 -6.80 -10.52 -27.67
CA SER A 23 -6.52 -11.42 -26.56
C SER A 23 -6.65 -12.92 -26.87
N ILE A 24 -5.59 -13.60 -26.49
CA ILE A 24 -5.30 -15.02 -26.53
C ILE A 24 -5.02 -15.71 -25.24
N GLN A 25 -5.60 -16.84 -24.84
CA GLN A 25 -5.09 -17.42 -23.57
C GLN A 25 -3.60 -17.71 -23.82
N PHE A 26 -2.73 -17.37 -22.84
CA PHE A 26 -1.24 -17.46 -22.91
C PHE A 26 -0.79 -17.95 -21.55
N HIS A 27 0.38 -18.51 -21.43
CA HIS A 27 0.74 -18.95 -20.10
C HIS A 27 2.31 -18.89 -19.98
N TRP A 28 2.90 -18.85 -18.79
CA TRP A 28 4.39 -18.81 -18.72
C TRP A 28 5.10 -19.90 -18.02
N LYS A 29 6.23 -20.26 -18.67
CA LYS A 29 7.11 -21.26 -18.18
C LYS A 29 8.62 -20.96 -18.17
N ASN A 30 9.24 -21.54 -17.15
CA ASN A 30 10.66 -21.53 -16.72
C ASN A 30 11.43 -22.71 -17.37
N SER A 31 12.71 -22.92 -17.06
CA SER A 31 13.40 -23.97 -17.80
C SER A 31 12.74 -25.33 -17.63
N ASN A 32 12.29 -25.69 -16.44
CA ASN A 32 11.51 -26.92 -16.23
C ASN A 32 10.14 -26.45 -16.69
N GLN A 33 9.20 -27.34 -17.04
CA GLN A 33 7.92 -26.85 -17.57
C GLN A 33 7.06 -26.68 -16.31
N ILE A 34 7.45 -25.65 -15.53
CA ILE A 34 6.85 -25.11 -14.29
C ILE A 34 6.31 -23.72 -14.55
N LYS A 35 5.07 -23.55 -14.14
CA LYS A 35 4.26 -22.40 -14.45
C LYS A 35 4.36 -21.20 -13.46
N ILE A 36 4.78 -20.04 -13.97
CA ILE A 36 4.77 -18.79 -13.24
C ILE A 36 3.41 -18.05 -13.16
N LEU A 37 3.02 -17.55 -14.33
CA LEU A 37 1.82 -16.73 -14.56
C LEU A 37 1.10 -17.08 -15.86
N GLY A 38 -0.22 -17.10 -15.88
CA GLY A 38 -0.98 -17.36 -17.09
C GLY A 38 -2.30 -16.64 -16.87
N ASN A 39 -3.24 -16.65 -17.81
CA ASN A 39 -4.47 -15.89 -17.55
C ASN A 39 -5.69 -16.65 -18.03
N GLN A 40 -6.86 -16.31 -17.50
CA GLN A 40 -8.10 -16.88 -17.94
C GLN A 40 -8.90 -15.68 -18.47
N GLY A 41 -9.07 -15.54 -19.77
CA GLY A 41 -9.88 -14.42 -20.21
C GLY A 41 -9.27 -13.26 -19.46
N SER A 42 -10.15 -12.50 -18.84
CA SER A 42 -9.80 -11.39 -17.98
C SER A 42 -8.98 -11.62 -16.71
N PHE A 43 -9.24 -12.68 -15.96
CA PHE A 43 -8.60 -12.91 -14.64
C PHE A 43 -7.17 -13.46 -14.81
N LEU A 44 -6.32 -13.34 -13.79
CA LEU A 44 -4.89 -13.68 -13.76
C LEU A 44 -4.55 -14.73 -12.74
N THR A 45 -3.66 -15.67 -13.04
CA THR A 45 -3.29 -16.61 -11.97
C THR A 45 -1.79 -16.91 -11.86
N LYS A 46 -1.28 -17.22 -10.65
CA LYS A 46 0.14 -17.53 -10.41
C LYS A 46 0.42 -19.05 -10.33
N GLY A 47 1.38 -19.49 -11.12
CA GLY A 47 1.79 -20.88 -11.10
C GLY A 47 2.55 -21.31 -9.86
N PRO A 48 2.50 -22.59 -9.47
CA PRO A 48 3.21 -23.12 -8.29
C PRO A 48 4.76 -23.13 -8.34
N SER A 49 5.33 -22.23 -9.10
CA SER A 49 6.79 -22.17 -9.27
C SER A 49 7.31 -21.47 -8.03
N LYS A 50 8.64 -21.48 -7.85
CA LYS A 50 9.29 -20.86 -6.68
C LYS A 50 8.93 -19.40 -6.71
N LEU A 51 8.94 -18.87 -7.93
CA LEU A 51 8.65 -17.48 -8.30
C LEU A 51 7.28 -16.89 -7.96
N ASN A 52 6.19 -17.62 -8.11
CA ASN A 52 4.87 -16.97 -8.01
C ASN A 52 4.73 -15.57 -7.42
N ASP A 53 5.17 -15.21 -6.21
CA ASP A 53 4.95 -13.77 -5.97
C ASP A 53 6.13 -13.10 -6.69
N ARG A 54 6.07 -11.78 -6.88
CA ARG A 54 7.06 -10.99 -7.62
C ARG A 54 7.12 -11.53 -9.07
N ALA A 55 6.04 -12.24 -9.45
CA ALA A 55 5.81 -12.73 -10.80
C ALA A 55 4.51 -12.05 -11.10
N ASP A 56 4.49 -11.15 -12.05
CA ASP A 56 3.23 -10.49 -12.28
C ASP A 56 3.30 -9.89 -13.70
N SER A 57 2.17 -9.71 -14.38
CA SER A 57 2.26 -9.21 -15.75
C SER A 57 1.34 -8.06 -15.94
N ARG A 58 1.42 -7.34 -17.06
CA ARG A 58 0.58 -6.16 -17.21
C ARG A 58 -0.71 -6.46 -18.00
N ARG A 59 -1.79 -6.21 -17.32
CA ARG A 59 -3.18 -6.41 -17.66
C ARG A 59 -3.78 -5.70 -18.84
N SER A 60 -3.39 -4.44 -19.00
CA SER A 60 -3.82 -3.44 -19.98
C SER A 60 -3.56 -3.91 -21.41
N LEU A 61 -2.40 -4.53 -21.56
CA LEU A 61 -1.71 -5.07 -22.71
C LEU A 61 -2.43 -6.16 -23.49
N TRP A 62 -3.16 -7.04 -22.79
CA TRP A 62 -3.71 -8.32 -23.25
C TRP A 62 -4.64 -8.05 -24.41
N ASP A 63 -5.45 -6.99 -24.47
CA ASP A 63 -6.33 -6.77 -25.68
C ASP A 63 -5.52 -6.63 -27.02
N GLN A 64 -4.39 -5.92 -26.97
CA GLN A 64 -3.36 -5.88 -28.03
C GLN A 64 -2.75 -7.24 -28.32
N GLY A 65 -2.54 -7.96 -27.24
CA GLY A 65 -2.04 -9.31 -27.33
C GLY A 65 -0.65 -9.43 -26.85
N ASN A 66 -0.30 -8.50 -25.97
CA ASN A 66 1.00 -8.44 -25.33
C ASN A 66 0.84 -9.06 -23.93
N PHE A 67 1.59 -10.13 -23.64
CA PHE A 67 1.41 -10.85 -22.37
C PHE A 67 2.82 -11.00 -21.75
N PRO A 68 3.32 -9.95 -21.13
CA PRO A 68 4.65 -9.92 -20.50
C PRO A 68 4.77 -10.67 -19.20
N LEU A 69 6.00 -11.01 -18.85
CA LEU A 69 6.30 -11.64 -17.60
C LEU A 69 7.23 -10.68 -16.98
N ILE A 70 6.96 -10.30 -15.73
CA ILE A 70 7.81 -9.41 -14.96
C ILE A 70 8.29 -10.08 -13.72
N ILE A 71 9.58 -10.12 -13.54
CA ILE A 71 10.15 -10.61 -12.34
C ILE A 71 10.75 -9.41 -11.74
N LYS A 72 10.44 -9.21 -10.47
CA LYS A 72 10.88 -8.03 -9.76
C LYS A 72 11.55 -8.47 -8.44
N ASN A 73 12.44 -7.57 -7.90
CA ASN A 73 13.28 -7.94 -6.76
C ASN A 73 14.11 -9.14 -7.21
N LEU A 74 14.76 -8.95 -8.35
CA LEU A 74 15.53 -10.03 -8.97
C LEU A 74 16.67 -10.61 -8.17
N LYS A 75 16.74 -11.93 -8.29
CA LYS A 75 17.72 -12.77 -7.67
C LYS A 75 18.59 -13.54 -8.68
N ILE A 76 19.81 -13.87 -8.23
CA ILE A 76 20.77 -14.56 -9.07
C ILE A 76 20.21 -15.89 -9.52
N GLU A 77 19.60 -16.63 -8.61
CA GLU A 77 19.07 -17.99 -8.84
C GLU A 77 17.88 -17.94 -9.82
N ASP A 78 17.29 -16.76 -9.94
CA ASP A 78 16.19 -16.54 -10.82
C ASP A 78 16.61 -16.59 -12.29
N SER A 79 17.90 -16.42 -12.60
CA SER A 79 18.31 -16.43 -14.01
C SER A 79 17.89 -17.80 -14.50
N ASP A 80 17.23 -17.76 -15.65
CA ASP A 80 16.65 -18.95 -16.23
C ASP A 80 16.42 -18.68 -17.72
N THR A 81 16.07 -19.72 -18.49
CA THR A 81 15.71 -19.59 -19.92
C THR A 81 14.18 -19.62 -19.73
N TYR A 82 13.40 -18.62 -20.17
CA TYR A 82 11.92 -18.68 -19.91
C TYR A 82 11.15 -18.66 -21.21
N ILE A 83 10.09 -19.49 -21.22
CA ILE A 83 9.19 -19.66 -22.35
C ILE A 83 7.73 -19.35 -22.23
N CYS A 84 7.25 -18.41 -23.04
CA CYS A 84 5.85 -17.96 -23.06
C CYS A 84 5.08 -18.61 -24.23
N GLU A 85 3.90 -19.20 -23.94
CA GLU A 85 3.06 -19.90 -24.94
C GLU A 85 1.74 -19.23 -25.33
N VAL A 86 1.59 -18.84 -26.60
CA VAL A 86 0.35 -18.20 -27.05
C VAL A 86 -0.04 -18.79 -28.40
N GLU A 87 -1.33 -19.04 -28.62
CA GLU A 87 -1.77 -19.52 -29.93
C GLU A 87 -0.80 -20.56 -30.53
N ASP A 88 -0.46 -21.57 -29.71
CA ASP A 88 0.46 -22.68 -30.07
C ASP A 88 1.86 -22.29 -30.60
N GLN A 89 2.48 -21.27 -30.02
CA GLN A 89 3.79 -20.82 -30.48
C GLN A 89 4.81 -20.95 -29.36
N LYS A 90 6.04 -21.37 -29.56
CA LYS A 90 6.87 -21.25 -28.38
C LYS A 90 7.86 -20.12 -28.59
N GLU A 91 7.89 -19.17 -27.66
CA GLU A 91 8.81 -18.04 -27.79
C GLU A 91 9.67 -18.16 -26.53
N GLU A 92 10.96 -17.92 -26.66
CA GLU A 92 11.83 -18.13 -25.51
C GLU A 92 12.82 -16.97 -25.35
N VAL A 93 13.21 -16.72 -24.12
CA VAL A 93 14.15 -15.68 -23.79
C VAL A 93 15.08 -16.18 -22.71
N GLN A 94 16.36 -15.86 -22.79
CA GLN A 94 17.30 -16.27 -21.74
C GLN A 94 17.54 -15.08 -20.80
N LEU A 95 17.36 -15.29 -19.50
CA LEU A 95 17.58 -14.20 -18.55
C LEU A 95 18.66 -14.55 -17.53
N LEU A 96 19.69 -13.68 -17.45
CA LEU A 96 20.78 -13.85 -16.49
C LEU A 96 20.84 -12.68 -15.51
N VAL A 97 21.17 -12.97 -14.25
CA VAL A 97 21.26 -11.95 -13.20
C VAL A 97 22.67 -11.90 -12.62
N PHE A 98 23.22 -10.71 -12.61
CA PHE A 98 24.56 -10.47 -12.11
C PHE A 98 24.61 -9.51 -10.94
N GLY A 99 25.41 -9.69 -9.89
CA GLY A 99 25.37 -8.58 -8.95
C GLY A 99 26.69 -7.97 -8.53
N LEU A 100 26.76 -6.65 -8.40
CA LEU A 100 28.01 -6.11 -7.92
C LEU A 100 27.96 -5.58 -6.55
N THR A 101 28.99 -5.85 -5.81
CA THR A 101 29.06 -5.33 -4.50
C THR A 101 30.46 -4.85 -4.07
N ALA A 102 30.45 -3.87 -3.19
CA ALA A 102 31.64 -3.28 -2.59
C ALA A 102 32.08 -4.19 -1.47
N ASN A 103 33.32 -4.05 -1.04
CA ASN A 103 33.81 -4.87 0.04
C ASN A 103 33.01 -4.68 1.37
N SER A 104 32.63 -3.44 1.70
CA SER A 104 31.87 -3.17 2.94
C SER A 104 30.90 -1.97 2.72
N ASP A 105 29.97 -1.70 3.66
CA ASP A 105 28.93 -0.66 3.43
C ASP A 105 29.20 0.81 3.16
N THR A 106 30.17 1.41 3.84
CA THR A 106 30.32 2.84 3.65
C THR A 106 31.60 3.57 4.10
N HIS A 107 31.68 4.86 3.74
CA HIS A 107 32.71 5.74 4.27
C HIS A 107 34.16 5.28 4.18
N LEU A 108 34.57 4.76 3.03
CA LEU A 108 36.00 4.34 2.93
C LEU A 108 36.95 5.48 2.51
N LEU A 109 38.01 5.54 3.29
CA LEU A 109 39.11 6.51 3.39
C LEU A 109 40.42 5.93 2.89
N GLN A 110 41.41 6.77 2.63
CA GLN A 110 42.68 6.39 1.99
C GLN A 110 43.71 5.39 2.48
N GLY A 111 44.24 4.66 1.48
CA GLY A 111 45.27 3.64 1.62
C GLY A 111 44.57 2.34 1.86
N GLN A 112 43.30 2.53 2.09
CA GLN A 112 42.34 1.48 2.36
C GLN A 112 42.08 0.99 0.92
N SER A 113 41.57 -0.22 0.75
CA SER A 113 41.43 -0.69 -0.60
C SER A 113 40.03 -1.14 -0.93
N LEU A 114 39.67 -0.99 -2.20
CA LEU A 114 38.38 -1.36 -2.76
C LEU A 114 38.28 -2.66 -3.55
N THR A 115 37.38 -3.54 -3.16
CA THR A 115 37.14 -4.74 -3.94
C THR A 115 35.67 -4.79 -4.41
N LEU A 116 35.46 -5.02 -5.69
CA LEU A 116 34.14 -5.13 -6.26
C LEU A 116 34.11 -6.59 -6.58
N THR A 117 33.00 -7.24 -6.35
CA THR A 117 32.99 -8.64 -6.67
C THR A 117 31.75 -8.77 -7.53
N LEU A 118 31.81 -9.73 -8.43
CA LEU A 118 30.74 -9.93 -9.33
C LEU A 118 30.21 -11.33 -9.08
N GLU A 119 28.91 -11.44 -8.86
CA GLU A 119 28.36 -12.75 -8.59
C GLU A 119 27.64 -12.92 -9.89
N SER A 120 27.88 -14.08 -10.50
CA SER A 120 27.35 -14.40 -11.79
C SER A 120 26.54 -15.63 -11.50
N PRO A 121 25.46 -15.84 -12.26
CA PRO A 121 24.63 -17.01 -12.04
C PRO A 121 25.27 -18.31 -12.42
N PRO A 122 24.82 -19.41 -11.84
CA PRO A 122 25.42 -20.70 -12.17
C PRO A 122 25.77 -20.84 -13.66
N GLY A 123 27.01 -21.25 -13.97
CA GLY A 123 27.40 -21.41 -15.38
C GLY A 123 27.63 -20.27 -16.39
N SER A 124 28.04 -19.07 -15.96
CA SER A 124 28.25 -17.96 -16.91
C SER A 124 29.53 -17.16 -16.90
N SER A 125 29.91 -16.67 -18.09
CA SER A 125 31.11 -15.84 -18.26
C SER A 125 31.03 -14.41 -17.64
N PRO A 126 32.04 -14.03 -16.86
CA PRO A 126 31.91 -12.67 -16.34
C PRO A 126 33.17 -11.80 -16.51
N SER A 127 33.05 -10.70 -17.26
CA SER A 127 34.17 -9.78 -17.48
C SER A 127 33.69 -8.39 -17.06
N VAL A 128 34.55 -7.62 -16.39
CA VAL A 128 34.19 -6.28 -15.91
C VAL A 128 34.93 -5.05 -16.36
N GLN A 129 34.25 -4.01 -16.81
CA GLN A 129 34.97 -2.78 -17.13
C GLN A 129 34.45 -1.70 -16.21
N CYS A 130 35.33 -0.97 -15.52
CA CYS A 130 34.81 0.09 -14.70
C CYS A 130 35.48 1.44 -15.05
N ARG A 131 34.74 2.54 -15.29
CA ARG A 131 35.41 3.83 -15.58
C ARG A 131 35.31 4.57 -14.28
N SER A 132 36.45 5.05 -13.80
CA SER A 132 36.49 5.72 -12.51
C SER A 132 35.78 7.05 -12.62
N PRO A 133 35.36 7.60 -11.49
CA PRO A 133 34.68 8.89 -11.58
C PRO A 133 35.67 9.73 -12.39
N ARG A 134 36.93 9.43 -12.10
CA ARG A 134 38.14 9.97 -12.70
C ARG A 134 38.18 9.67 -14.20
N GLY A 135 37.72 8.45 -14.50
CA GLY A 135 37.79 7.85 -15.84
C GLY A 135 39.00 6.94 -16.13
N LYS A 136 39.94 6.79 -15.19
CA LYS A 136 41.06 5.86 -15.43
C LYS A 136 40.21 4.60 -15.54
N ASN A 137 40.42 3.81 -16.57
CA ASN A 137 39.60 2.65 -16.68
C ASN A 137 40.31 1.36 -16.25
N ILE A 138 39.78 0.68 -15.23
CA ILE A 138 40.36 -0.59 -14.78
C ILE A 138 39.42 -1.72 -14.90
N GLN A 139 39.94 -2.68 -15.70
CA GLN A 139 39.27 -3.89 -16.21
C GLN A 139 39.66 -5.12 -15.38
N GLY A 140 38.92 -5.25 -14.30
CA GLY A 140 39.02 -6.31 -13.31
C GLY A 140 38.80 -7.71 -13.76
N GLY A 141 37.80 -7.79 -14.63
CA GLY A 141 37.30 -9.06 -15.07
C GLY A 141 36.39 -9.56 -13.94
N LYS A 142 36.70 -10.71 -13.36
CA LYS A 142 35.91 -11.32 -12.29
C LYS A 142 35.71 -10.53 -10.98
N THR A 143 36.74 -9.84 -10.45
CA THR A 143 36.56 -8.91 -9.30
C THR A 143 37.45 -7.74 -9.67
N LEU A 144 37.19 -6.54 -9.17
CA LEU A 144 38.14 -5.48 -9.46
C LEU A 144 38.72 -4.91 -8.15
N SER A 145 40.05 -4.78 -8.01
CA SER A 145 40.57 -4.20 -6.76
C SER A 145 41.50 -3.08 -7.06
N VAL A 146 41.41 -2.02 -6.26
CA VAL A 146 42.38 -0.96 -6.41
C VAL A 146 43.06 -1.22 -5.07
N SER A 147 44.36 -1.53 -5.08
CA SER A 147 45.06 -1.84 -3.87
C SER A 147 45.11 -0.72 -2.84
N GLN A 148 45.30 0.53 -3.28
CA GLN A 148 45.27 1.64 -2.33
C GLN A 148 44.48 2.82 -2.90
N LEU A 149 43.61 3.34 -2.06
CA LEU A 149 42.67 4.43 -2.36
C LEU A 149 43.09 5.89 -2.37
N GLU A 150 42.30 6.72 -3.06
CA GLU A 150 42.55 8.15 -3.36
C GLU A 150 41.40 9.23 -3.21
N LEU A 151 41.82 10.49 -3.17
CA LEU A 151 40.93 11.67 -3.20
C LEU A 151 40.06 11.76 -4.53
N GLN A 152 40.71 11.42 -5.64
CA GLN A 152 40.34 11.44 -7.07
C GLN A 152 39.12 10.55 -7.22
N ASP A 153 39.22 9.46 -6.48
CA ASP A 153 38.31 8.34 -6.47
C ASP A 153 36.89 8.55 -5.87
N SER A 154 36.65 9.55 -5.03
CA SER A 154 35.28 9.70 -4.51
C SER A 154 34.32 10.15 -5.59
N GLY A 155 33.05 9.93 -5.35
CA GLY A 155 32.09 10.24 -6.38
C GLY A 155 31.59 8.93 -6.98
N THR A 156 30.69 8.98 -7.96
CA THR A 156 30.08 7.77 -8.50
C THR A 156 30.67 7.28 -9.81
N TRP A 157 31.06 6.02 -9.86
CA TRP A 157 31.72 5.47 -11.03
C TRP A 157 31.07 4.20 -11.46
N THR A 158 31.28 3.81 -12.72
CA THR A 158 30.51 2.78 -13.40
C THR A 158 31.15 1.51 -13.95
N CYS A 159 30.57 0.37 -13.60
CA CYS A 159 31.07 -0.88 -14.14
C CYS A 159 30.05 -1.47 -15.15
N THR A 160 30.64 -2.17 -16.11
CA THR A 160 30.01 -2.85 -17.21
C THR A 160 30.30 -4.34 -17.21
N VAL A 161 29.27 -5.17 -17.33
CA VAL A 161 29.43 -6.62 -17.37
C VAL A 161 28.92 -7.09 -18.71
N LEU A 162 29.72 -7.89 -19.42
CA LEU A 162 29.32 -8.35 -20.74
C LEU A 162 29.02 -9.85 -20.99
N GLN A 163 27.78 -10.14 -21.41
CA GLN A 163 27.33 -11.48 -21.79
C GLN A 163 26.43 -11.49 -23.03
N ASN A 164 26.60 -12.48 -23.87
CA ASN A 164 25.73 -12.74 -25.02
C ASN A 164 25.61 -11.42 -25.77
N GLN A 165 26.76 -10.77 -25.81
CA GLN A 165 27.04 -9.48 -26.42
C GLN A 165 26.07 -8.32 -26.05
N LYS A 166 25.70 -8.28 -24.77
CA LYS A 166 24.89 -7.23 -24.16
C LYS A 166 25.62 -6.69 -22.96
N LYS A 167 25.48 -5.40 -22.65
CA LYS A 167 26.19 -4.84 -21.51
C LYS A 167 25.19 -4.28 -20.50
N VAL A 168 25.49 -4.41 -19.21
CA VAL A 168 24.59 -3.92 -18.18
C VAL A 168 25.43 -3.07 -17.22
N GLU A 169 24.85 -1.96 -16.78
CA GLU A 169 25.54 -0.97 -15.94
C GLU A 169 25.27 -0.98 -14.42
N PHE A 170 26.32 -1.08 -13.63
CA PHE A 170 26.12 -0.97 -12.21
C PHE A 170 27.02 0.25 -11.98
N LYS A 171 26.55 1.14 -11.14
CA LYS A 171 27.34 2.28 -10.88
C LYS A 171 27.32 2.25 -9.36
N ILE A 172 28.47 2.58 -8.82
CA ILE A 172 28.66 2.59 -7.39
C ILE A 172 29.05 3.97 -6.93
N ASP A 173 28.29 4.44 -5.96
CA ASP A 173 28.48 5.76 -5.41
C ASP A 173 29.64 5.61 -4.44
N ILE A 174 30.56 6.56 -4.49
CA ILE A 174 31.68 6.73 -3.54
C ILE A 174 32.04 7.90 -2.61
N VAL A 175 32.21 7.54 -1.34
CA VAL A 175 32.53 8.44 -0.25
C VAL A 175 33.95 8.08 0.16
N VAL A 176 34.88 9.03 0.10
CA VAL A 176 36.30 8.78 0.44
C VAL A 176 36.95 9.54 1.66
N LEU B 4 -32.36 -38.30 -38.84
CA LEU B 4 -31.32 -38.12 -37.79
C LEU B 4 -30.45 -39.38 -37.92
N GLU B 5 -29.95 -39.65 -39.15
CA GLU B 5 -29.16 -40.85 -39.52
C GLU B 5 -27.69 -40.84 -39.14
N ASN B 6 -27.14 -42.05 -39.03
CA ASN B 6 -25.74 -42.19 -38.69
C ASN B 6 -24.83 -41.74 -39.84
N VAL B 7 -23.91 -40.88 -39.43
CA VAL B 7 -22.90 -40.21 -40.22
C VAL B 7 -21.66 -39.92 -39.38
N ILE B 8 -20.46 -39.89 -39.97
CA ILE B 8 -19.32 -39.50 -39.12
C ILE B 8 -18.52 -38.26 -39.54
N GLU B 9 -18.57 -37.38 -38.52
CA GLU B 9 -18.02 -36.02 -38.36
C GLU B 9 -17.26 -35.84 -37.08
N ASN B 10 -16.41 -34.81 -37.10
CA ASN B 10 -15.59 -34.48 -35.95
C ASN B 10 -16.18 -33.19 -35.36
N PHE B 11 -16.31 -33.19 -34.04
CA PHE B 11 -16.81 -32.03 -33.31
C PHE B 11 -15.63 -31.74 -32.42
N ASN B 12 -15.38 -30.45 -32.29
CA ASN B 12 -14.34 -29.91 -31.44
C ASN B 12 -15.06 -28.84 -30.65
N MET B 13 -15.22 -29.11 -29.37
CA MET B 13 -15.88 -28.19 -28.48
C MET B 13 -15.02 -26.97 -28.24
N TRP B 14 -13.72 -27.22 -28.32
CA TRP B 14 -12.68 -26.25 -28.01
C TRP B 14 -12.70 -25.17 -29.12
N LYS B 15 -12.94 -25.59 -30.37
CA LYS B 15 -13.17 -24.60 -31.44
C LYS B 15 -14.62 -24.35 -31.90
N ASN B 16 -15.62 -24.59 -31.02
CA ASN B 16 -16.98 -24.22 -31.41
C ASN B 16 -17.22 -22.70 -31.47
N ASP B 17 -17.57 -22.31 -32.68
CA ASP B 17 -17.82 -20.97 -33.17
C ASP B 17 -18.99 -20.33 -32.38
N MET B 18 -20.03 -21.10 -32.07
CA MET B 18 -21.18 -20.59 -31.27
C MET B 18 -20.83 -20.09 -29.84
N VAL B 19 -19.94 -20.80 -29.13
CA VAL B 19 -19.65 -20.44 -27.74
C VAL B 19 -19.14 -19.04 -27.78
N ASP B 20 -18.31 -18.70 -28.77
CA ASP B 20 -17.85 -17.34 -28.75
C ASP B 20 -19.10 -16.45 -28.86
N GLN B 21 -20.06 -16.81 -29.72
CA GLN B 21 -21.33 -16.08 -29.82
C GLN B 21 -22.14 -16.07 -28.56
N MET B 22 -22.29 -17.28 -27.99
CA MET B 22 -23.06 -17.51 -26.76
C MET B 22 -22.43 -16.69 -25.58
N HIS B 23 -21.08 -16.68 -25.53
CA HIS B 23 -20.30 -15.92 -24.55
C HIS B 23 -20.63 -14.46 -24.74
N GLN B 24 -20.70 -14.02 -25.97
CA GLN B 24 -21.12 -12.68 -26.23
C GLN B 24 -22.50 -12.27 -25.85
N ASP B 25 -23.44 -13.20 -26.10
CA ASP B 25 -24.87 -13.04 -25.80
C ASP B 25 -25.07 -12.86 -24.30
N ILE B 26 -24.30 -13.64 -23.52
CA ILE B 26 -24.19 -13.53 -22.03
C ILE B 26 -23.68 -12.17 -21.53
N ILE B 27 -22.66 -11.63 -22.20
CA ILE B 27 -22.11 -10.32 -21.90
C ILE B 27 -23.20 -9.27 -22.07
N SER B 28 -23.91 -9.29 -23.19
CA SER B 28 -25.06 -8.38 -23.37
C SER B 28 -26.18 -8.54 -22.34
N LEU B 29 -26.50 -9.80 -21.99
CA LEU B 29 -27.61 -10.09 -21.07
C LEU B 29 -27.22 -9.36 -19.79
N TRP B 30 -25.95 -9.52 -19.43
CA TRP B 30 -25.39 -8.76 -18.31
C TRP B 30 -25.40 -7.24 -18.40
N ASP B 31 -25.13 -6.69 -19.58
CA ASP B 31 -25.17 -5.24 -19.64
C ASP B 31 -26.58 -4.81 -19.26
N GLN B 32 -27.61 -5.42 -19.87
CA GLN B 32 -28.97 -5.02 -19.50
C GLN B 32 -29.44 -5.19 -18.02
N SER B 33 -29.22 -6.40 -17.48
CA SER B 33 -29.48 -6.77 -16.07
C SER B 33 -28.77 -6.33 -14.78
N LEU B 34 -27.44 -6.29 -14.81
CA LEU B 34 -26.73 -5.92 -13.59
C LEU B 34 -25.79 -4.83 -14.12
N LYS B 35 -26.09 -3.58 -13.96
CA LYS B 35 -25.24 -2.59 -14.55
C LYS B 35 -24.38 -2.03 -13.46
N PRO B 36 -23.09 -2.18 -13.54
CA PRO B 36 -22.39 -1.59 -12.42
C PRO B 36 -22.54 -0.07 -12.43
N CYS B 37 -22.50 0.51 -11.21
CA CYS B 37 -22.62 1.95 -10.97
C CYS B 37 -21.31 2.50 -11.55
N VAL B 38 -20.28 1.74 -11.29
CA VAL B 38 -18.97 2.06 -11.78
C VAL B 38 -18.19 1.02 -12.60
N LYS B 39 -17.68 1.40 -13.75
CA LYS B 39 -16.76 0.53 -14.46
C LYS B 39 -15.51 1.39 -14.52
N LEU B 40 -14.38 0.76 -14.25
CA LEU B 40 -13.14 1.45 -14.36
C LEU B 40 -12.51 0.58 -15.42
N THR B 41 -12.00 1.23 -16.44
CA THR B 41 -11.33 0.57 -17.53
C THR B 41 -10.12 1.24 -18.12
N PRO B 42 -9.31 0.47 -18.80
CA PRO B 42 -8.17 1.19 -19.34
C PRO B 42 -8.54 1.68 -20.79
N ASN B 51 -5.31 6.81 -20.57
CA ASN B 51 -6.40 7.37 -19.76
C ASN B 51 -7.18 6.17 -19.19
N THR B 52 -8.19 6.48 -18.37
CA THR B 52 -9.09 5.49 -17.81
C THR B 52 -10.44 5.92 -18.33
N SER B 53 -11.23 5.02 -18.92
CA SER B 53 -12.50 5.52 -19.38
C SER B 53 -13.49 5.09 -18.28
N THR B 54 -14.10 6.11 -17.66
CA THR B 54 -15.04 5.92 -16.57
C THR B 54 -16.36 6.71 -16.53
N ILE B 55 -17.47 6.07 -16.18
CA ILE B 55 -18.75 6.76 -15.97
C ILE B 55 -19.43 6.40 -14.64
N ALA B 56 -19.87 7.41 -13.90
CA ALA B 56 -20.63 7.19 -12.66
C ALA B 56 -22.12 7.40 -13.02
N GLN B 57 -22.99 6.43 -12.72
CA GLN B 57 -24.43 6.48 -13.05
C GLN B 57 -25.28 5.96 -11.86
N ALA B 58 -26.57 6.29 -11.77
CA ALA B 58 -27.31 5.68 -10.66
C ALA B 58 -27.67 4.27 -11.17
N CYS B 59 -27.38 3.25 -10.38
CA CYS B 59 -27.71 1.86 -10.75
C CYS B 59 -29.16 1.40 -10.78
N PRO B 60 -29.49 0.43 -11.66
CA PRO B 60 -30.85 -0.14 -11.82
C PRO B 60 -31.23 -1.07 -10.68
N LYS B 61 -30.22 -1.74 -10.09
CA LYS B 61 -30.45 -2.59 -8.93
C LYS B 61 -31.43 -3.70 -9.28
N VAL B 62 -31.29 -4.27 -10.48
CA VAL B 62 -32.25 -5.30 -10.88
C VAL B 62 -31.37 -6.56 -10.86
N SER B 63 -31.78 -7.55 -10.05
CA SER B 63 -31.04 -8.82 -9.92
C SER B 63 -31.22 -9.63 -11.17
N PHE B 64 -30.32 -10.58 -11.39
CA PHE B 64 -30.54 -11.41 -12.53
C PHE B 64 -30.80 -12.73 -11.79
N ASP B 65 -31.85 -13.41 -12.23
CA ASP B 65 -32.34 -14.67 -11.67
C ASP B 65 -32.48 -15.52 -12.93
N PRO B 66 -31.33 -16.06 -13.39
CA PRO B 66 -30.93 -16.89 -14.52
C PRO B 66 -31.94 -17.33 -15.54
N ILE B 67 -32.43 -16.38 -16.34
CA ILE B 67 -33.39 -16.70 -17.40
C ILE B 67 -32.60 -17.49 -18.47
N PRO B 68 -33.12 -18.66 -18.93
CA PRO B 68 -32.46 -19.50 -19.97
C PRO B 68 -32.50 -18.93 -21.38
N ILE B 69 -31.50 -19.26 -22.20
CA ILE B 69 -31.43 -18.66 -23.54
C ILE B 69 -31.23 -19.74 -24.66
N HIS B 70 -31.91 -19.60 -25.80
CA HIS B 70 -31.74 -20.57 -26.89
C HIS B 70 -31.01 -19.98 -28.08
N TYR B 71 -29.85 -20.50 -28.45
CA TYR B 71 -29.26 -19.98 -29.67
C TYR B 71 -29.73 -21.13 -30.51
N CYS B 72 -30.52 -20.76 -31.49
CA CYS B 72 -31.11 -21.68 -32.44
C CYS B 72 -30.40 -21.39 -33.72
N ALA B 73 -30.38 -22.37 -34.59
CA ALA B 73 -29.71 -22.16 -35.85
C ALA B 73 -30.50 -21.16 -36.72
N PRO B 74 -29.81 -20.12 -37.25
CA PRO B 74 -30.33 -19.05 -38.12
C PRO B 74 -31.03 -19.53 -39.38
N ALA B 75 -30.82 -18.88 -40.51
CA ALA B 75 -31.55 -19.32 -41.69
C ALA B 75 -30.66 -20.18 -42.56
N GLY B 76 -31.09 -21.43 -42.78
CA GLY B 76 -30.30 -22.35 -43.58
C GLY B 76 -29.11 -23.04 -42.91
N TYR B 77 -29.00 -22.91 -41.58
CA TYR B 77 -27.85 -23.47 -40.88
C TYR B 77 -28.41 -24.48 -39.90
N ALA B 78 -27.75 -25.60 -39.73
CA ALA B 78 -28.24 -26.66 -38.84
C ALA B 78 -27.36 -26.78 -37.62
N ILE B 79 -28.00 -27.24 -36.54
CA ILE B 79 -27.33 -27.38 -35.26
C ILE B 79 -27.33 -28.90 -35.27
N LEU B 80 -26.17 -29.49 -35.01
CA LEU B 80 -26.03 -30.93 -34.97
C LEU B 80 -25.79 -31.34 -33.54
N LYS B 81 -26.22 -32.52 -33.16
CA LYS B 81 -25.93 -33.07 -31.84
C LYS B 81 -25.09 -34.31 -31.95
N CYS B 82 -24.26 -34.59 -30.95
CA CYS B 82 -23.51 -35.84 -31.04
C CYS B 82 -24.12 -36.99 -30.18
N ASN B 83 -24.44 -38.09 -30.88
CA ASN B 83 -24.96 -39.36 -30.33
C ASN B 83 -24.18 -40.19 -29.33
N ASP B 84 -22.87 -40.32 -29.48
CA ASP B 84 -22.17 -41.29 -28.65
C ASP B 84 -22.46 -40.80 -27.25
N LYS B 85 -22.72 -41.78 -26.38
CA LYS B 85 -23.07 -41.53 -24.98
C LYS B 85 -22.01 -40.78 -24.15
N THR B 86 -20.74 -41.09 -24.36
CA THR B 86 -19.72 -40.33 -23.67
C THR B 86 -18.83 -39.92 -24.85
N PHE B 87 -18.36 -38.69 -24.81
CA PHE B 87 -17.52 -38.20 -25.88
C PHE B 87 -16.41 -37.35 -25.25
N ASN B 88 -15.15 -37.57 -25.58
CA ASN B 88 -14.15 -36.69 -24.97
C ASN B 88 -14.24 -35.44 -25.85
N GLY B 89 -13.60 -34.35 -25.45
CA GLY B 89 -13.79 -33.08 -26.13
C GLY B 89 -13.43 -33.09 -27.59
N ILE B 90 -12.35 -33.75 -27.96
CA ILE B 90 -12.03 -33.74 -29.37
C ILE B 90 -12.06 -35.18 -29.73
N GLY B 91 -12.96 -35.45 -30.67
CA GLY B 91 -13.14 -36.79 -31.15
C GLY B 91 -13.96 -36.89 -32.42
N PRO B 92 -13.77 -38.00 -33.13
CA PRO B 92 -14.53 -38.23 -34.35
C PRO B 92 -15.80 -38.78 -33.69
N CYS B 93 -16.98 -38.25 -34.01
CA CYS B 93 -18.19 -38.78 -33.37
C CYS B 93 -18.92 -39.76 -34.32
N ASN B 94 -19.03 -41.01 -33.87
CA ASN B 94 -19.68 -42.06 -34.67
C ASN B 94 -21.13 -41.91 -35.09
N ASN B 95 -21.98 -41.40 -34.20
CA ASN B 95 -23.39 -41.30 -34.55
C ASN B 95 -23.92 -39.87 -34.38
N VAL B 96 -24.60 -39.32 -35.38
CA VAL B 96 -25.12 -37.95 -35.34
C VAL B 96 -26.60 -37.58 -35.69
N SER B 97 -27.26 -36.83 -34.83
CA SER B 97 -28.67 -36.33 -35.00
C SER B 97 -28.67 -34.84 -35.38
N THR B 98 -29.81 -34.26 -35.74
CA THR B 98 -29.81 -32.82 -36.04
C THR B 98 -30.97 -32.22 -35.24
N VAL B 99 -30.75 -31.01 -34.68
CA VAL B 99 -31.78 -30.34 -33.85
C VAL B 99 -32.06 -28.90 -34.21
N GLN B 100 -33.33 -28.55 -34.17
CA GLN B 100 -33.71 -27.19 -34.50
C GLN B 100 -33.07 -26.12 -33.61
N CYS B 101 -33.09 -26.37 -32.31
CA CYS B 101 -32.51 -25.50 -31.27
C CYS B 101 -31.59 -26.10 -30.26
N THR B 102 -30.69 -25.28 -29.74
CA THR B 102 -29.84 -25.73 -28.66
C THR B 102 -30.90 -25.78 -27.57
N HIS B 103 -30.64 -26.54 -26.51
CA HIS B 103 -31.63 -26.68 -25.43
C HIS B 103 -31.60 -25.50 -24.50
N GLY B 104 -32.54 -25.47 -23.55
CA GLY B 104 -32.52 -24.32 -22.66
C GLY B 104 -31.18 -24.35 -21.96
N ILE B 105 -30.54 -23.20 -21.88
CA ILE B 105 -29.26 -23.09 -21.22
C ILE B 105 -29.40 -22.14 -20.12
N LYS B 106 -28.94 -22.57 -18.94
CA LYS B 106 -28.92 -21.71 -17.77
C LYS B 106 -27.46 -21.25 -17.76
N PRO B 107 -27.24 -19.95 -17.86
CA PRO B 107 -25.94 -19.32 -17.88
C PRO B 107 -25.59 -18.77 -16.49
N VAL B 108 -24.58 -19.37 -15.89
CA VAL B 108 -24.11 -18.98 -14.57
C VAL B 108 -22.72 -18.61 -14.84
N VAL B 109 -22.23 -17.57 -14.14
CA VAL B 109 -20.90 -17.08 -14.46
C VAL B 109 -20.40 -17.64 -13.15
N SER B 110 -19.44 -18.53 -13.28
CA SER B 110 -18.87 -19.27 -12.18
C SER B 110 -17.41 -19.71 -12.30
N THR B 111 -16.78 -20.01 -11.17
CA THR B 111 -15.40 -20.45 -11.17
C THR B 111 -15.19 -21.62 -10.29
N GLN B 112 -14.13 -22.37 -10.59
CA GLN B 112 -13.90 -23.64 -9.94
C GLN B 112 -15.23 -24.51 -9.72
N LEU B 113 -16.43 -23.94 -9.86
CA LEU B 113 -17.67 -24.73 -9.84
C LEU B 113 -18.56 -24.32 -11.01
N LEU B 114 -19.36 -25.24 -11.53
CA LEU B 114 -20.26 -25.03 -12.67
C LEU B 114 -21.59 -25.17 -11.96
N LEU B 115 -22.54 -24.26 -12.15
CA LEU B 115 -23.80 -24.27 -11.37
C LEU B 115 -25.23 -24.42 -11.99
N ASN B 116 -26.16 -25.15 -11.34
CA ASN B 116 -27.55 -25.38 -11.82
C ASN B 116 -27.46 -25.88 -13.38
N GLY B 117 -26.47 -26.76 -13.73
CA GLY B 117 -26.24 -27.26 -15.11
C GLY B 117 -26.78 -28.57 -15.73
N SER B 118 -25.90 -29.33 -16.39
CA SER B 118 -26.22 -30.62 -17.05
C SER B 118 -25.23 -31.71 -16.60
N LEU B 119 -25.77 -32.91 -16.39
CA LEU B 119 -25.01 -34.04 -15.85
C LEU B 119 -24.64 -35.16 -16.85
N ALA B 120 -23.37 -35.62 -16.92
CA ALA B 120 -23.08 -36.69 -17.89
C ALA B 120 -23.69 -37.97 -17.34
N GLU B 121 -24.48 -38.60 -18.19
CA GLU B 121 -25.19 -39.83 -17.89
C GLU B 121 -24.58 -41.18 -17.49
N GLU B 122 -23.48 -41.63 -18.08
CA GLU B 122 -23.08 -42.96 -17.63
C GLU B 122 -21.70 -43.06 -16.97
N GLU B 123 -20.85 -42.17 -17.45
CA GLU B 123 -19.44 -42.06 -17.15
C GLU B 123 -19.04 -40.62 -16.91
N VAL B 124 -17.92 -40.42 -16.23
CA VAL B 124 -17.49 -39.09 -15.86
C VAL B 124 -16.28 -38.93 -16.77
N VAL B 125 -16.49 -37.86 -17.53
CA VAL B 125 -15.82 -37.39 -18.72
C VAL B 125 -15.00 -36.12 -18.53
N ILE B 126 -13.74 -36.17 -18.98
CA ILE B 126 -12.83 -35.04 -18.84
C ILE B 126 -12.39 -34.56 -20.23
N ARG B 127 -12.70 -33.29 -20.50
CA ARG B 127 -12.46 -32.70 -21.81
C ARG B 127 -11.50 -31.51 -21.76
N SER B 128 -10.50 -31.53 -22.65
CA SER B 128 -9.49 -30.48 -22.82
C SER B 128 -9.13 -30.20 -24.23
N GLU B 129 -8.69 -28.99 -24.60
CA GLU B 129 -8.31 -28.85 -25.99
C GLU B 129 -7.18 -29.93 -26.06
N ASN B 130 -6.31 -30.07 -25.04
CA ASN B 130 -5.29 -31.18 -24.93
C ASN B 130 -5.49 -31.59 -23.40
N ILE B 131 -5.87 -32.83 -23.02
CA ILE B 131 -5.85 -33.26 -21.57
C ILE B 131 -4.44 -33.44 -20.98
N SER B 132 -3.59 -34.01 -21.84
CA SER B 132 -2.21 -34.31 -21.55
C SER B 132 -1.53 -32.99 -21.47
N ASN B 133 -2.18 -31.97 -22.05
CA ASN B 133 -1.53 -30.70 -21.99
C ASN B 133 -1.58 -30.28 -20.57
N ASN B 134 -0.34 -30.08 -20.27
CA ASN B 134 0.25 -29.70 -19.07
C ASN B 134 -0.33 -28.32 -18.66
N VAL B 135 -0.50 -27.42 -19.62
CA VAL B 135 -1.21 -26.14 -19.53
C VAL B 135 -2.73 -25.88 -19.38
N LYS B 136 -3.55 -26.65 -20.13
CA LYS B 136 -5.04 -26.52 -20.30
C LYS B 136 -6.11 -26.76 -19.29
N THR B 137 -7.10 -25.88 -19.33
CA THR B 137 -8.21 -25.95 -18.39
C THR B 137 -8.90 -27.29 -18.56
N ILE B 138 -9.30 -27.90 -17.47
CA ILE B 138 -10.01 -29.16 -17.55
C ILE B 138 -11.42 -29.18 -16.96
N ILE B 139 -12.38 -29.50 -17.83
CA ILE B 139 -13.81 -29.48 -17.50
C ILE B 139 -14.39 -30.51 -16.55
N VAL B 140 -13.98 -31.77 -16.59
CA VAL B 140 -14.54 -32.74 -15.64
C VAL B 140 -16.10 -32.74 -15.56
N HIS B 141 -16.79 -33.20 -16.61
CA HIS B 141 -18.27 -33.23 -16.66
C HIS B 141 -18.72 -34.42 -15.76
N LEU B 142 -19.59 -34.17 -14.76
CA LEU B 142 -19.97 -35.22 -13.78
C LEU B 142 -21.25 -36.09 -13.77
N THR B 143 -21.08 -37.39 -13.47
CA THR B 143 -22.21 -38.33 -13.35
C THR B 143 -23.20 -38.18 -12.22
N GLU B 144 -22.72 -37.90 -11.02
CA GLU B 144 -23.69 -37.81 -9.95
C GLU B 144 -23.45 -36.45 -9.31
N SER B 145 -24.52 -35.71 -9.16
CA SER B 145 -24.51 -34.38 -8.61
C SER B 145 -24.52 -34.08 -7.10
N VAL B 146 -24.11 -32.88 -6.68
CA VAL B 146 -24.10 -32.50 -5.24
C VAL B 146 -24.77 -31.15 -4.94
N ASN B 147 -25.15 -30.96 -3.68
CA ASN B 147 -25.89 -29.76 -3.31
C ASN B 147 -25.09 -28.77 -2.46
N ILE B 148 -25.11 -27.50 -2.90
CA ILE B 148 -24.54 -26.37 -2.17
C ILE B 148 -25.53 -25.32 -1.83
N THR B 149 -25.65 -25.11 -0.52
CA THR B 149 -26.54 -24.13 0.09
C THR B 149 -25.68 -23.15 0.89
N CYS B 150 -25.88 -21.84 0.69
CA CYS B 150 -25.12 -20.82 1.43
C CYS B 150 -26.03 -19.76 2.06
N ILE B 151 -25.57 -19.22 3.19
CA ILE B 151 -26.21 -18.07 3.85
C ILE B 151 -25.10 -17.10 4.34
N GLY B 152 -25.32 -15.80 4.20
CA GLY B 152 -24.32 -14.84 4.65
C GLY B 152 -24.80 -14.08 5.87
N GLY B 154 -21.88 -15.15 6.08
CA GLY B 154 -22.06 -16.30 6.93
C GLY B 154 -21.30 -17.57 6.54
N HIS B 155 -22.02 -18.64 6.24
CA HIS B 155 -21.37 -19.87 5.88
C HIS B 155 -22.02 -20.64 4.76
N CYS B 156 -21.24 -21.52 4.13
CA CYS B 156 -21.79 -22.38 3.09
C CYS B 156 -21.65 -23.88 3.42
N ASN B 157 -22.72 -24.64 3.10
CA ASN B 157 -22.74 -26.06 3.38
C ASN B 157 -22.69 -26.99 2.16
N ILE B 158 -21.63 -27.82 2.15
CA ILE B 158 -21.37 -28.89 1.20
C ILE B 158 -21.33 -30.13 2.07
N ASN B 159 -22.08 -31.13 1.66
CA ASN B 159 -22.16 -32.35 2.45
C ASN B 159 -20.82 -33.05 2.62
N GLU B 160 -20.52 -33.38 3.86
CA GLU B 160 -19.28 -34.05 4.22
C GLU B 160 -19.24 -35.40 3.50
N LYS B 161 -20.42 -36.00 3.48
CA LYS B 161 -20.70 -37.35 2.99
C LYS B 161 -20.52 -37.57 1.51
N ALA B 162 -20.95 -36.57 0.74
CA ALA B 162 -20.82 -36.63 -0.72
C ALA B 162 -19.37 -36.77 -1.21
N TRP B 163 -18.43 -36.05 -0.57
CA TRP B 163 -17.00 -36.13 -0.91
C TRP B 163 -16.23 -37.45 -0.80
N ASN B 164 -16.47 -38.27 0.24
CA ASN B 164 -15.75 -39.55 0.25
C ASN B 164 -16.15 -40.50 -0.91
N GLU B 165 -17.44 -40.61 -1.26
CA GLU B 165 -17.83 -41.40 -2.46
C GLU B 165 -17.27 -40.87 -3.76
N THR B 166 -17.28 -39.55 -3.86
CA THR B 166 -16.81 -38.88 -5.06
C THR B 166 -15.31 -39.05 -5.12
N LEU B 167 -14.66 -39.24 -3.97
CA LEU B 167 -13.23 -39.48 -3.95
C LEU B 167 -12.99 -40.72 -4.77
N LYS B 168 -13.89 -41.69 -4.59
CA LYS B 168 -13.81 -42.98 -5.27
C LYS B 168 -13.90 -43.03 -6.79
N LYS B 169 -14.79 -42.20 -7.35
CA LYS B 169 -15.01 -42.22 -8.79
C LYS B 169 -13.76 -41.65 -9.48
N VAL B 170 -13.25 -40.61 -8.84
CA VAL B 170 -12.07 -39.86 -9.27
C VAL B 170 -10.85 -40.72 -9.08
N VAL B 171 -10.81 -41.47 -7.98
CA VAL B 171 -9.62 -42.24 -7.74
C VAL B 171 -9.73 -43.29 -8.82
N GLU B 172 -10.94 -43.79 -9.05
CA GLU B 172 -11.11 -44.72 -10.14
C GLU B 172 -10.72 -44.16 -11.53
N LYS B 173 -11.22 -42.96 -11.87
CA LYS B 173 -10.92 -42.32 -13.19
C LYS B 173 -9.58 -41.74 -13.69
N LEU B 174 -8.91 -41.06 -12.77
CA LEU B 174 -7.72 -40.32 -13.13
C LEU B 174 -6.54 -41.15 -13.49
N VAL B 175 -6.43 -42.21 -12.69
CA VAL B 175 -5.35 -43.14 -12.78
C VAL B 175 -5.41 -43.70 -14.17
N LYS B 176 -6.62 -43.96 -14.66
CA LYS B 176 -6.74 -44.56 -15.97
C LYS B 176 -6.10 -43.61 -17.05
N TYR B 177 -6.29 -42.27 -16.95
CA TYR B 177 -5.50 -41.35 -17.82
C TYR B 177 -4.01 -41.28 -17.45
N PHE B 178 -3.76 -41.31 -16.15
CA PHE B 178 -2.41 -41.16 -15.56
C PHE B 178 -2.17 -42.30 -14.56
N PRO B 179 -1.83 -43.49 -15.09
CA PRO B 179 -1.55 -44.74 -14.37
C PRO B 179 -0.32 -44.70 -13.49
N ASN B 180 -0.29 -45.53 -12.45
CA ASN B 180 0.90 -45.61 -11.59
C ASN B 180 1.19 -44.22 -11.02
N LYS B 181 0.14 -43.50 -10.63
CA LYS B 181 0.21 -42.11 -10.14
C LYS B 181 -0.54 -41.74 -8.82
N THR B 182 -0.16 -40.65 -8.16
CA THR B 182 -0.73 -40.23 -6.84
C THR B 182 -1.36 -38.85 -6.97
N ILE B 183 -2.60 -38.72 -6.49
CA ILE B 183 -3.38 -37.49 -6.69
C ILE B 183 -3.69 -36.54 -5.49
N GLU B 184 -3.39 -35.24 -5.72
CA GLU B 184 -3.59 -34.08 -4.81
C GLU B 184 -4.75 -33.11 -5.06
N PHE B 185 -5.51 -32.80 -4.02
CA PHE B 185 -6.45 -31.69 -4.17
C PHE B 185 -5.74 -30.71 -3.29
N ALA B 186 -5.46 -29.58 -3.89
CA ALA B 186 -4.77 -28.55 -3.19
C ALA B 186 -5.37 -27.26 -3.61
N PRO B 187 -5.30 -26.27 -2.74
CA PRO B 187 -5.83 -24.95 -2.99
C PRO B 187 -4.94 -24.28 -4.04
N PRO B 188 -5.46 -23.24 -4.71
CA PRO B 188 -4.73 -22.48 -5.73
C PRO B 188 -3.55 -21.62 -5.15
N VAL B 189 -2.36 -21.80 -5.66
CA VAL B 189 -1.14 -21.12 -5.17
C VAL B 189 -1.11 -19.59 -5.22
N GLY B 190 -1.63 -19.05 -6.31
CA GLY B 190 -1.61 -17.61 -6.52
C GLY B 190 -2.83 -17.07 -7.21
N GLY B 191 -2.68 -15.96 -7.89
CA GLY B 191 -3.77 -15.38 -8.64
C GLY B 191 -4.82 -14.56 -7.94
N ASP B 192 -5.81 -14.13 -8.73
CA ASP B 192 -6.87 -13.27 -8.25
C ASP B 192 -7.82 -13.93 -7.33
N LEU B 193 -8.50 -13.09 -6.58
CA LEU B 193 -9.43 -13.55 -5.61
C LEU B 193 -10.53 -14.39 -6.30
N GLU B 194 -11.07 -13.98 -7.49
CA GLU B 194 -12.16 -14.79 -8.15
C GLU B 194 -11.78 -16.24 -8.52
N ILE B 195 -10.56 -16.43 -9.01
CA ILE B 195 -9.89 -17.70 -9.28
C ILE B 195 -9.48 -18.52 -8.01
N THR B 196 -9.01 -17.80 -7.00
CA THR B 196 -8.55 -18.29 -5.70
C THR B 196 -9.63 -18.98 -4.97
N THR B 197 -10.80 -18.41 -5.09
CA THR B 197 -11.98 -18.81 -4.38
C THR B 197 -13.04 -18.96 -5.47
N HIS B 198 -14.16 -19.53 -5.10
CA HIS B 198 -15.25 -19.70 -5.99
C HIS B 198 -16.14 -18.52 -6.23
N SER B 199 -15.88 -17.82 -7.30
CA SER B 199 -16.74 -16.73 -7.73
C SER B 199 -18.12 -17.16 -8.25
N PHE B 200 -19.25 -16.60 -7.80
CA PHE B 200 -20.55 -16.94 -8.46
C PHE B 200 -21.61 -15.89 -8.23
N ASN B 201 -22.64 -15.84 -9.06
CA ASN B 201 -23.66 -14.82 -8.88
C ASN B 201 -25.02 -15.30 -8.37
N CYS B 202 -25.38 -14.96 -7.12
CA CYS B 202 -26.70 -15.25 -6.53
C CYS B 202 -27.51 -14.05 -6.04
N GLY B 203 -28.59 -13.69 -6.73
CA GLY B 203 -29.40 -12.58 -6.23
C GLY B 203 -28.86 -11.16 -6.27
N GLY B 204 -27.87 -10.86 -7.13
CA GLY B 204 -27.28 -9.52 -7.11
C GLY B 204 -26.22 -9.23 -6.02
N GLU B 205 -25.66 -10.31 -5.46
CA GLU B 205 -24.61 -10.30 -4.45
C GLU B 205 -23.51 -11.15 -5.17
N PHE B 206 -22.20 -10.96 -4.96
CA PHE B 206 -21.24 -11.74 -5.75
C PHE B 206 -20.58 -12.42 -4.56
N PHE B 207 -20.26 -13.68 -4.66
CA PHE B 207 -19.70 -14.51 -3.57
C PHE B 207 -18.32 -15.14 -3.81
N TYR B 208 -17.44 -15.18 -2.81
CA TYR B 208 -16.15 -15.89 -2.96
C TYR B 208 -16.17 -16.99 -1.85
N CYS B 209 -15.72 -18.23 -2.02
CA CYS B 209 -15.58 -19.12 -0.83
C CYS B 209 -14.10 -19.49 -0.74
N ASN B 210 -13.46 -19.56 0.45
CA ASN B 210 -11.99 -19.85 0.48
C ASN B 210 -12.30 -21.37 0.42
N THR B 211 -12.21 -21.96 -0.78
CA THR B 211 -12.50 -23.39 -1.05
C THR B 211 -11.15 -24.03 -1.11
N THR B 212 -10.19 -23.21 -0.72
CA THR B 212 -8.83 -23.63 -0.64
C THR B 212 -9.03 -24.74 0.38
N LYS B 213 -9.90 -24.43 1.34
CA LYS B 213 -10.21 -25.34 2.43
C LYS B 213 -10.81 -26.68 2.00
N LEU B 214 -11.68 -26.63 1.00
CA LEU B 214 -12.31 -27.85 0.49
C LEU B 214 -11.40 -28.88 -0.19
N PHE B 215 -10.44 -28.47 -1.01
CA PHE B 215 -9.71 -29.56 -1.56
C PHE B 215 -8.44 -29.54 -0.65
N ASN B 216 -8.35 -30.54 0.22
CA ASN B 216 -7.24 -30.74 1.14
C ASN B 216 -6.86 -32.21 1.28
N SER B 217 -7.31 -32.92 0.28
CA SER B 217 -7.28 -34.35 0.18
C SER B 217 -6.26 -34.89 -0.78
N ILE B 218 -5.59 -35.99 -0.40
CA ILE B 218 -4.59 -36.54 -1.31
C ILE B 218 -4.91 -38.03 -1.45
N HIS B 219 -4.40 -38.63 -2.53
CA HIS B 219 -4.72 -40.02 -2.77
C HIS B 219 -3.90 -41.29 -3.09
N ASN B 220 -4.33 -42.31 -2.32
CA ASN B 220 -4.03 -43.74 -2.38
C ASN B 220 -2.68 -44.50 -2.44
N SER B 221 -1.64 -44.08 -1.72
CA SER B 221 -0.36 -44.84 -1.76
C SER B 221 0.58 -44.54 -0.57
N ILE B 243 -17.90 -30.64 6.43
CA ILE B 243 -17.04 -29.80 5.60
C ILE B 243 -17.77 -28.53 5.21
N THR B 244 -17.34 -27.41 5.81
CA THR B 244 -17.96 -26.08 5.60
C THR B 244 -17.09 -24.95 5.03
N LEU B 245 -17.61 -24.31 3.99
CA LEU B 245 -16.95 -23.20 3.31
C LEU B 245 -17.23 -21.79 3.95
N PRO B 246 -16.16 -20.97 4.17
CA PRO B 246 -16.21 -19.61 4.75
C PRO B 246 -16.31 -18.49 3.72
N CYS B 247 -17.49 -18.33 3.14
CA CYS B 247 -17.74 -17.31 2.13
C CYS B 247 -17.77 -15.84 2.60
N ARG B 248 -17.38 -14.95 1.68
CA ARG B 248 -17.23 -13.50 1.84
C ARG B 248 -18.24 -12.82 0.87
N ILE B 249 -18.90 -11.72 1.21
CA ILE B 249 -19.86 -11.11 0.25
C ILE B 249 -19.11 -9.87 -0.13
N ARG B 250 -18.97 -9.58 -1.43
CA ARG B 250 -18.11 -8.45 -1.64
C ARG B 250 -18.91 -7.56 -2.66
N GLN B 251 -18.98 -6.24 -2.50
CA GLN B 251 -19.63 -5.35 -3.48
C GLN B 251 -18.72 -4.80 -4.62
N ILE B 252 -17.41 -4.96 -4.56
CA ILE B 252 -16.54 -4.50 -5.65
C ILE B 252 -15.79 -5.61 -6.22
N ILE B 253 -16.02 -5.73 -7.53
CA ILE B 253 -15.58 -6.91 -8.19
C ILE B 253 -15.00 -6.70 -9.54
N ASN B 254 -14.05 -7.57 -9.90
CA ASN B 254 -13.43 -7.61 -11.21
C ASN B 254 -14.31 -8.12 -12.31
N MET B 255 -14.04 -7.74 -13.53
CA MET B 255 -14.96 -8.24 -14.45
C MET B 255 -14.41 -9.35 -15.31
N TRP B 256 -15.18 -10.41 -15.44
CA TRP B 256 -14.93 -11.53 -16.34
C TRP B 256 -15.13 -11.14 -17.77
N GLN B 257 -16.04 -10.19 -17.90
CA GLN B 257 -16.44 -9.59 -19.15
C GLN B 257 -15.44 -8.86 -20.04
N GLU B 258 -14.53 -8.09 -19.41
CA GLU B 258 -13.50 -7.20 -20.03
C GLU B 258 -12.48 -7.00 -18.94
N VAL B 259 -11.32 -6.41 -19.18
CA VAL B 259 -10.33 -6.38 -18.08
C VAL B 259 -10.45 -5.13 -17.27
N GLY B 260 -10.73 -5.35 -16.00
CA GLY B 260 -10.84 -4.25 -15.06
C GLY B 260 -11.78 -4.46 -13.89
N ARG B 261 -11.99 -3.39 -13.11
CA ARG B 261 -12.95 -3.41 -12.07
C ARG B 261 -14.33 -2.77 -12.27
N ALA B 262 -15.37 -3.46 -11.78
CA ALA B 262 -16.73 -2.95 -11.81
C ALA B 262 -17.16 -2.88 -10.34
N MET B 263 -17.86 -1.79 -9.99
CA MET B 263 -18.33 -1.53 -8.64
C MET B 263 -19.86 -1.50 -8.73
N TYR B 264 -20.52 -2.24 -7.84
CA TYR B 264 -21.99 -2.41 -7.71
C TYR B 264 -22.41 -1.92 -6.33
N ALA B 265 -23.56 -1.25 -6.24
CA ALA B 265 -24.02 -0.67 -4.96
C ALA B 265 -24.41 -1.73 -3.91
N PRO B 266 -24.43 -1.33 -2.63
CA PRO B 266 -24.72 -2.12 -1.44
C PRO B 266 -26.12 -2.65 -1.17
N PRO B 267 -26.20 -3.69 -0.31
CA PRO B 267 -27.36 -4.50 0.19
C PRO B 267 -28.45 -4.07 1.22
N SER B 268 -29.68 -3.95 0.74
CA SER B 268 -30.87 -3.60 1.56
C SER B 268 -31.45 -4.61 2.59
N LYS B 269 -31.14 -5.90 2.44
CA LYS B 269 -31.73 -6.91 3.33
C LYS B 269 -30.68 -7.65 4.18
N GLY B 270 -31.01 -7.89 5.45
CA GLY B 270 -30.12 -8.64 6.31
C GLY B 270 -29.72 -10.08 5.98
N ASN B 271 -30.68 -10.94 5.57
CA ASN B 271 -30.26 -12.29 5.28
C ASN B 271 -30.70 -12.91 3.86
N ILE B 272 -29.74 -13.54 3.13
CA ILE B 272 -29.85 -14.18 1.75
C ILE B 272 -29.57 -15.64 1.44
N THR B 273 -30.56 -16.20 0.76
CA THR B 273 -30.66 -17.61 0.45
C THR B 273 -30.27 -18.13 -0.91
N CYS B 274 -29.28 -19.04 -0.93
CA CYS B 274 -28.88 -19.70 -2.17
C CYS B 274 -28.88 -21.21 -2.03
N ILE B 275 -29.54 -21.87 -2.98
CA ILE B 275 -29.53 -23.32 -3.10
C ILE B 275 -29.00 -23.44 -4.51
N SER B 276 -27.99 -24.26 -4.67
CA SER B 276 -27.39 -24.52 -5.96
C SER B 276 -27.09 -25.98 -6.02
N ASP B 277 -26.94 -26.53 -7.21
CA ASP B 277 -26.70 -27.95 -7.38
C ASP B 277 -25.44 -28.00 -8.25
N ILE B 278 -24.52 -28.93 -8.00
CA ILE B 278 -23.33 -28.91 -8.84
C ILE B 278 -23.24 -30.07 -9.79
N THR B 279 -23.00 -29.67 -11.04
CA THR B 279 -22.88 -30.60 -12.17
C THR B 279 -21.45 -30.71 -12.66
N GLY B 280 -20.57 -29.82 -12.14
CA GLY B 280 -19.19 -29.78 -12.60
C GLY B 280 -18.03 -28.95 -12.03
N LEU B 281 -16.88 -29.21 -12.61
CA LEU B 281 -15.60 -28.69 -12.19
C LEU B 281 -14.72 -28.05 -13.26
N LEU B 282 -13.84 -27.13 -12.91
CA LEU B 282 -12.85 -26.71 -13.89
C LEU B 282 -11.50 -27.09 -13.20
N LEU B 283 -10.56 -27.77 -13.85
CA LEU B 283 -9.27 -28.15 -13.22
C LEU B 283 -7.96 -28.08 -14.00
N THR B 284 -6.83 -27.91 -13.28
CA THR B 284 -5.45 -27.86 -13.84
C THR B 284 -4.47 -28.62 -12.92
N ARG B 285 -3.36 -29.20 -13.40
CA ARG B 285 -2.52 -29.92 -12.41
C ARG B 285 -1.06 -29.48 -12.79
N ASP B 286 -0.16 -29.58 -11.85
CA ASP B 286 1.19 -29.12 -12.09
C ASP B 286 2.11 -29.69 -13.09
N GLY B 287 2.20 -30.99 -13.29
CA GLY B 287 3.25 -31.39 -14.21
C GLY B 287 4.61 -31.12 -13.56
N GLY B 288 5.32 -30.15 -14.11
CA GLY B 288 6.66 -29.80 -13.67
C GLY B 288 7.80 -30.54 -14.39
N GLU B 289 7.40 -31.54 -15.14
CA GLU B 289 8.34 -32.19 -16.02
C GLU B 289 9.72 -32.68 -15.50
N ASN B 290 9.78 -33.24 -14.29
CA ASN B 290 11.03 -33.88 -13.80
C ASN B 290 11.64 -33.28 -12.49
N LYS B 291 12.94 -32.94 -12.51
CA LYS B 291 13.66 -32.46 -11.33
C LYS B 291 13.82 -33.34 -10.05
N THR B 292 14.09 -34.64 -10.24
CA THR B 292 14.33 -35.63 -9.14
C THR B 292 13.60 -35.37 -7.81
N GLU B 293 12.43 -34.76 -7.98
CA GLU B 293 11.43 -34.51 -6.98
C GLU B 293 11.17 -35.96 -6.60
N ASN B 294 11.17 -36.76 -7.69
CA ASN B 294 10.86 -38.19 -7.83
C ASN B 294 9.45 -38.21 -7.35
N ASN B 295 8.69 -37.19 -7.73
CA ASN B 295 7.35 -37.20 -7.21
C ASN B 295 6.45 -38.14 -7.99
N ASP B 296 5.75 -38.95 -7.21
CA ASP B 296 4.74 -39.86 -7.68
C ASP B 296 3.70 -38.97 -8.31
N THR B 297 3.52 -37.86 -7.59
CA THR B 297 2.48 -36.89 -7.79
C THR B 297 2.18 -35.87 -8.86
N GLU B 298 0.87 -35.69 -8.95
CA GLU B 298 0.18 -34.64 -9.67
C GLU B 298 -0.70 -33.95 -8.64
N ILE B 299 -0.75 -32.64 -8.77
CA ILE B 299 -1.51 -31.85 -7.87
C ILE B 299 -2.50 -31.18 -8.82
N PHE B 300 -3.77 -31.25 -8.49
CA PHE B 300 -4.79 -30.63 -9.32
C PHE B 300 -5.36 -29.64 -8.35
N ARG B 301 -5.63 -28.47 -8.91
CA ARG B 301 -6.09 -27.34 -8.15
C ARG B 301 -7.32 -26.84 -8.85
N PRO B 302 -8.26 -26.24 -8.11
CA PRO B 302 -9.36 -25.82 -8.97
C PRO B 302 -8.89 -24.80 -10.02
N GLY B 303 -9.84 -24.27 -10.77
CA GLY B 303 -9.54 -23.33 -11.83
C GLY B 303 -10.80 -22.62 -12.35
N GLY B 304 -10.62 -21.88 -13.44
CA GLY B 304 -11.73 -21.17 -14.00
C GLY B 304 -11.28 -19.84 -14.54
N GLY B 305 -12.26 -18.95 -14.71
CA GLY B 305 -12.07 -17.58 -15.19
C GLY B 305 -12.14 -17.35 -16.70
N ASP B 306 -12.16 -18.43 -17.48
CA ASP B 306 -12.33 -18.23 -18.91
C ASP B 306 -13.79 -18.67 -18.87
N MET B 307 -14.63 -17.68 -19.08
CA MET B 307 -16.09 -17.77 -19.11
C MET B 307 -16.64 -18.72 -20.19
N LYS B 308 -15.95 -18.69 -21.32
CA LYS B 308 -16.22 -19.42 -22.54
C LYS B 308 -16.13 -20.93 -22.06
N ASP B 309 -15.21 -21.36 -21.19
CA ASP B 309 -15.26 -22.79 -20.76
C ASP B 309 -16.61 -23.17 -20.06
N ASN B 310 -17.18 -22.32 -19.22
CA ASN B 310 -18.49 -22.62 -18.63
C ASN B 310 -19.44 -22.76 -19.75
N TRP B 311 -19.30 -21.91 -20.74
CA TRP B 311 -20.22 -21.88 -21.83
C TRP B 311 -19.96 -23.20 -22.59
N ARG B 312 -18.69 -23.59 -22.71
CA ARG B 312 -18.33 -24.86 -23.34
C ARG B 312 -18.84 -26.14 -22.74
N SER B 313 -18.88 -26.30 -21.41
CA SER B 313 -19.40 -27.59 -20.91
C SER B 313 -20.88 -27.88 -21.34
N GLU B 314 -21.79 -26.92 -21.36
CA GLU B 314 -23.14 -27.14 -21.90
C GLU B 314 -23.26 -27.33 -23.40
N LEU B 315 -22.48 -26.56 -24.14
CA LEU B 315 -22.45 -26.49 -25.58
C LEU B 315 -21.51 -27.42 -26.31
N TYR B 316 -20.73 -28.28 -25.66
CA TYR B 316 -19.76 -29.07 -26.43
C TYR B 316 -20.33 -30.00 -27.53
N LYS B 317 -21.45 -30.66 -27.25
CA LYS B 317 -22.16 -31.47 -28.23
C LYS B 317 -22.65 -30.69 -29.45
N TYR B 318 -23.16 -29.47 -29.24
CA TYR B 318 -23.65 -28.66 -30.35
C TYR B 318 -22.62 -28.09 -31.37
N LYS B 319 -22.94 -28.10 -32.65
CA LYS B 319 -22.10 -27.61 -33.75
C LYS B 319 -22.87 -26.84 -34.82
N VAL B 320 -22.33 -25.77 -35.36
CA VAL B 320 -23.05 -25.11 -36.42
C VAL B 320 -22.42 -25.22 -37.79
N VAL B 321 -23.20 -25.81 -38.73
CA VAL B 321 -22.90 -26.05 -40.18
C VAL B 321 -24.08 -25.82 -41.13
N GLU B 322 -23.77 -25.82 -42.43
CA GLU B 322 -24.78 -25.76 -43.49
C GLU B 322 -24.32 -26.84 -44.51
N ILE B 323 -25.24 -27.30 -45.39
CA ILE B 323 -25.03 -28.42 -46.36
C ILE B 323 -23.96 -29.49 -45.97
N GLN C 1 -6.48 24.17 -11.37
CA GLN C 1 -7.34 23.51 -10.45
C GLN C 1 -7.57 22.06 -10.44
N VAL C 2 -7.46 21.46 -9.25
CA VAL C 2 -7.95 20.19 -8.63
C VAL C 2 -8.12 20.47 -7.17
N GLN C 3 -9.13 20.06 -6.45
CA GLN C 3 -9.14 20.48 -5.04
C GLN C 3 -9.53 19.47 -4.01
N VAL C 4 -9.07 19.61 -2.79
CA VAL C 4 -9.59 18.80 -1.73
C VAL C 4 -9.98 19.64 -0.54
N VAL C 5 -11.19 19.45 -0.04
CA VAL C 5 -11.60 20.26 1.08
C VAL C 5 -12.03 19.42 2.24
N GLN C 6 -11.50 19.71 3.39
CA GLN C 6 -11.88 18.98 4.54
C GLN C 6 -12.64 19.92 5.41
N SER C 7 -13.54 19.35 6.17
CA SER C 7 -14.47 20.04 7.02
C SER C 7 -13.74 20.64 8.18
N GLY C 8 -14.40 21.57 8.84
CA GLY C 8 -13.79 22.23 9.98
C GLY C 8 -13.35 21.42 11.21
N ALA C 9 -12.32 21.99 11.82
CA ALA C 9 -11.64 21.36 12.90
C ALA C 9 -12.60 21.12 14.04
N GLU C 10 -12.48 19.96 14.69
CA GLU C 10 -13.39 19.60 15.75
C GLU C 10 -12.88 18.97 17.08
N VAL C 11 -13.60 19.18 18.20
CA VAL C 11 -13.23 18.69 19.56
C VAL C 11 -14.15 17.61 20.15
N ARG C 12 -13.59 16.49 20.64
CA ARG C 12 -14.38 15.34 21.19
C ARG C 12 -14.14 14.72 22.57
N LYS C 13 -15.19 14.31 23.24
CA LYS C 13 -15.06 13.63 24.54
C LYS C 13 -14.69 12.13 24.36
N PRO C 14 -13.74 11.58 25.11
CA PRO C 14 -13.42 10.15 24.90
C PRO C 14 -14.66 9.38 24.86
N GLY C 15 -14.74 8.35 24.02
CA GLY C 15 -15.91 7.51 23.80
C GLY C 15 -16.94 7.89 22.74
N ALA C 16 -16.82 9.09 22.17
CA ALA C 16 -17.73 9.60 21.12
C ALA C 16 -17.19 9.50 19.64
N SER C 17 -18.07 9.15 18.73
CA SER C 17 -17.65 8.99 17.36
C SER C 17 -17.34 10.39 16.85
N VAL C 18 -16.55 10.45 15.77
CA VAL C 18 -16.22 11.68 15.05
C VAL C 18 -16.44 11.34 13.58
N LYS C 19 -17.03 12.24 12.80
CA LYS C 19 -17.17 11.89 11.40
C LYS C 19 -16.62 13.09 10.60
N VAL C 20 -15.72 12.83 9.64
CA VAL C 20 -15.09 13.92 8.85
C VAL C 20 -15.29 13.93 7.31
N SER C 21 -15.84 15.01 6.74
CA SER C 21 -16.04 15.09 5.30
C SER C 21 -14.85 15.47 4.40
N CYS C 22 -14.96 15.13 3.12
CA CYS C 22 -13.99 15.46 2.04
C CYS C 22 -14.75 15.87 0.75
N LYS C 23 -14.43 16.97 0.12
CA LYS C 23 -15.15 17.18 -1.13
C LYS C 23 -14.07 17.29 -2.23
N VAL C 24 -14.27 16.71 -3.42
CA VAL C 24 -13.20 16.72 -4.38
C VAL C 24 -13.69 17.45 -5.63
N SER C 25 -12.94 18.40 -6.12
CA SER C 25 -13.37 19.12 -7.31
C SER C 25 -12.33 18.90 -8.42
N GLY C 26 -12.80 18.72 -9.67
CA GLY C 26 -11.96 18.39 -10.80
C GLY C 26 -12.01 16.96 -11.30
N PHE C 27 -12.66 16.09 -10.59
CA PHE C 27 -12.96 14.72 -11.03
C PHE C 27 -14.05 13.91 -10.40
N THR C 28 -14.48 12.84 -11.00
CA THR C 28 -15.52 12.09 -10.29
C THR C 28 -14.82 10.95 -9.61
N LEU C 29 -15.01 10.91 -8.28
CA LEU C 29 -14.34 10.00 -7.37
C LEU C 29 -14.83 8.59 -7.81
N THR C 30 -13.88 7.69 -8.05
CA THR C 30 -14.16 6.35 -8.62
C THR C 30 -14.87 5.42 -7.70
N GLY C 31 -14.76 5.75 -6.43
CA GLY C 31 -15.26 4.96 -5.32
C GLY C 31 -14.12 4.09 -4.77
N LEU C 32 -13.01 3.90 -5.52
CA LEU C 32 -11.75 3.19 -5.06
C LEU C 32 -10.68 4.24 -4.70
N SER C 33 -11.10 5.46 -4.94
CA SER C 33 -10.31 6.63 -4.88
C SER C 33 -9.60 7.10 -3.61
N ILE C 34 -10.29 6.96 -2.47
CA ILE C 34 -9.88 7.53 -1.21
C ILE C 34 -9.38 6.81 0.01
N HIS C 35 -8.22 7.30 0.49
CA HIS C 35 -7.48 6.84 1.70
C HIS C 35 -7.38 7.94 2.70
N TRP C 36 -7.74 7.58 3.93
CA TRP C 36 -7.70 8.44 5.12
C TRP C 36 -6.46 8.14 5.99
N VAL C 37 -5.64 9.15 6.12
CA VAL C 37 -4.37 9.28 6.90
C VAL C 37 -4.26 10.39 7.94
N ARG C 38 -3.85 10.07 9.17
CA ARG C 38 -3.86 11.15 10.15
C ARG C 38 -2.52 11.23 10.84
N GLN C 39 -2.15 12.44 11.25
CA GLN C 39 -0.88 12.75 11.91
C GLN C 39 -1.07 13.28 13.31
N ALA C 40 -0.39 12.63 14.25
CA ALA C 40 -0.42 13.01 15.65
C ALA C 40 0.30 14.32 15.82
N PRO C 41 0.00 15.08 16.89
CA PRO C 41 0.83 16.28 16.83
C PRO C 41 2.22 15.85 17.29
N GLY C 42 3.25 16.26 16.53
CA GLY C 42 4.63 15.92 16.88
C GLY C 42 5.16 14.62 16.27
N LYS C 43 4.30 13.90 15.54
CA LYS C 43 4.54 12.57 14.99
C LYS C 43 4.34 12.31 13.52
N GLY C 44 4.94 11.25 13.03
CA GLY C 44 4.86 10.92 11.59
C GLY C 44 3.53 10.38 11.09
N LEU C 45 3.48 10.07 9.78
CA LEU C 45 2.22 9.64 9.15
C LEU C 45 1.75 8.24 9.59
N GLU C 46 0.43 8.06 9.81
CA GLU C 46 -0.09 6.74 10.22
C GLU C 46 -1.24 6.51 9.24
N TRP C 47 -1.29 5.36 8.59
CA TRP C 47 -2.35 5.15 7.65
C TRP C 47 -3.40 4.31 8.26
N MET C 48 -4.61 4.88 8.35
CA MET C 48 -5.83 4.24 8.87
C MET C 48 -6.47 3.14 8.08
N GLY C 49 -6.48 3.32 6.74
CA GLY C 49 -7.11 2.39 5.78
C GLY C 49 -7.33 2.92 4.36
N GLY C 50 -7.94 2.08 3.54
CA GLY C 50 -8.26 2.45 2.16
C GLY C 50 -8.51 1.18 1.37
N PHE C 51 -8.82 1.28 0.09
CA PHE C 51 -9.00 0.07 -0.72
C PHE C 51 -7.80 -0.80 -1.04
N GLY C 52 -8.02 -2.12 -0.98
CA GLY C 52 -6.95 -3.10 -1.20
C GLY C 52 -7.15 -4.25 -2.18
N PRO C 53 -6.10 -5.02 -2.52
CA PRO C 53 -6.14 -6.18 -3.44
C PRO C 53 -7.13 -7.28 -3.04
N GLU C 54 -7.82 -7.08 -1.92
CA GLU C 54 -8.93 -7.91 -1.48
C GLU C 54 -10.11 -7.01 -1.87
N GLU C 55 -10.98 -7.51 -2.72
CA GLU C 55 -12.04 -6.69 -3.30
C GLU C 55 -13.17 -6.09 -2.41
N ASN C 56 -13.69 -6.86 -1.43
CA ASN C 56 -14.85 -6.50 -0.55
C ASN C 56 -14.52 -5.40 0.43
N GLU C 57 -13.23 -5.24 0.63
CA GLU C 57 -12.71 -4.29 1.55
C GLU C 57 -12.03 -3.17 0.91
N ILE C 58 -12.14 -2.13 1.70
CA ILE C 58 -11.68 -0.79 1.60
C ILE C 58 -11.25 -1.38 2.94
N ILE C 59 -9.98 -1.25 3.27
CA ILE C 59 -9.48 -2.00 4.39
C ILE C 59 -8.73 -1.08 5.32
N TYR C 60 -8.97 -1.38 6.58
CA TYR C 60 -8.56 -0.60 7.72
C TYR C 60 -7.48 -1.35 8.43
N ALA C 61 -6.54 -0.60 8.95
CA ALA C 61 -5.38 -1.15 9.66
C ALA C 61 -5.95 -1.64 10.96
N GLN C 62 -5.21 -2.52 11.62
CA GLN C 62 -5.64 -3.25 12.81
C GLN C 62 -6.04 -2.44 14.05
N LYS C 63 -5.31 -1.36 14.36
CA LYS C 63 -5.57 -0.55 15.55
C LYS C 63 -6.99 0.01 15.45
N PHE C 64 -7.37 0.40 14.26
CA PHE C 64 -8.65 1.00 13.96
C PHE C 64 -9.75 -0.05 13.61
N GLN C 65 -9.49 -1.37 13.60
CA GLN C 65 -10.53 -2.27 13.10
C GLN C 65 -11.89 -2.31 13.79
N GLY C 66 -11.99 -2.24 15.12
CA GLY C 66 -13.34 -2.29 15.66
C GLY C 66 -14.26 -1.13 15.29
N ARG C 67 -13.62 0.02 15.42
CA ARG C 67 -14.18 1.33 15.23
C ARG C 67 -14.23 2.20 14.00
N VAL C 68 -13.72 1.82 12.86
CA VAL C 68 -13.74 2.85 11.81
C VAL C 68 -14.31 2.50 10.50
N SER C 69 -15.14 3.43 10.05
CA SER C 69 -15.87 3.34 8.80
C SER C 69 -15.55 4.47 7.82
N MET C 70 -15.23 4.09 6.56
CA MET C 70 -14.81 5.00 5.48
C MET C 70 -15.82 4.89 4.34
N THR C 71 -16.14 6.02 3.74
CA THR C 71 -17.09 6.04 2.63
C THR C 71 -16.80 6.96 1.45
N GLU C 72 -17.23 6.60 0.23
CA GLU C 72 -17.16 7.56 -0.86
C GLU C 72 -18.59 7.52 -1.48
N ASP C 73 -19.30 8.61 -1.76
CA ASP C 73 -20.57 8.45 -2.51
C ASP C 73 -20.12 8.84 -3.85
N THR C 74 -20.22 7.96 -4.85
CA THR C 74 -19.77 8.40 -6.14
C THR C 74 -20.54 9.62 -6.63
N SER C 75 -21.85 9.70 -6.45
CA SER C 75 -22.65 10.92 -6.76
C SER C 75 -22.54 12.33 -6.14
N THR C 76 -22.32 12.45 -4.82
CA THR C 76 -22.25 13.74 -4.11
C THR C 76 -20.81 14.21 -4.21
N ASN C 77 -20.00 13.26 -4.68
CA ASN C 77 -18.55 13.29 -4.88
C ASN C 77 -17.78 13.76 -3.65
N THR C 78 -18.07 13.16 -2.52
CA THR C 78 -17.43 13.43 -1.25
C THR C 78 -17.19 12.12 -0.49
N ALA C 79 -16.29 12.07 0.47
CA ALA C 79 -16.05 10.85 1.24
C ALA C 79 -16.09 11.06 2.74
N TYR C 80 -16.65 10.15 3.47
CA TYR C 80 -16.82 10.39 4.88
C TYR C 80 -16.11 9.37 5.72
N MET C 81 -15.49 9.79 6.81
CA MET C 81 -14.82 8.82 7.66
C MET C 81 -15.27 8.92 9.12
N GLU C 82 -15.64 7.79 9.77
CA GLU C 82 -15.94 7.85 11.20
C GLU C 82 -15.01 6.96 11.97
N LEU C 83 -14.50 7.52 13.06
CA LEU C 83 -13.65 6.80 14.00
C LEU C 83 -14.56 6.98 15.20
N SER C 84 -14.83 5.92 15.96
CA SER C 84 -15.78 5.95 17.08
C SER C 84 -15.07 5.34 18.24
N SER C 85 -15.65 5.42 19.44
CA SER C 85 -14.94 4.90 20.60
C SER C 85 -13.54 5.54 20.83
N LEU C 86 -13.50 6.88 20.82
CA LEU C 86 -12.27 7.69 21.05
C LEU C 86 -11.45 7.61 22.36
N ARG C 87 -10.16 7.66 22.09
CA ARG C 87 -8.99 7.60 22.94
C ARG C 87 -8.20 8.90 23.07
N SER C 88 -7.40 8.95 24.11
CA SER C 88 -6.53 10.08 24.32
C SER C 88 -5.55 10.25 23.16
N GLU C 89 -5.03 9.15 22.62
CA GLU C 89 -4.06 9.19 21.51
C GLU C 89 -4.62 9.65 20.18
N ASP C 90 -5.94 9.56 20.04
CA ASP C 90 -6.56 9.79 18.75
C ASP C 90 -6.46 11.21 18.29
N THR C 91 -6.23 12.16 19.20
CA THR C 91 -6.15 13.52 18.70
C THR C 91 -4.98 13.36 17.75
N ALA C 92 -5.16 13.97 16.59
CA ALA C 92 -4.21 13.94 15.50
C ALA C 92 -4.86 14.77 14.42
N VAL C 93 -4.17 14.88 13.30
CA VAL C 93 -4.74 15.61 12.21
C VAL C 93 -5.02 14.51 11.23
N TYR C 94 -6.26 14.48 10.77
CA TYR C 94 -6.77 13.52 9.86
C TYR C 94 -6.78 14.18 8.50
N TYR C 95 -6.24 13.44 7.56
CA TYR C 95 -6.05 13.88 6.21
C TYR C 95 -6.82 12.97 5.26
N CYS C 96 -7.45 13.56 4.24
CA CYS C 96 -8.16 12.78 3.25
C CYS C 96 -7.18 12.69 2.03
N ALA C 97 -6.99 11.47 1.44
CA ALA C 97 -6.08 11.22 0.29
C ALA C 97 -6.75 10.68 -0.91
N THR C 98 -6.37 11.14 -2.09
CA THR C 98 -6.94 10.63 -3.38
C THR C 98 -6.00 10.43 -4.53
N GLY C 99 -6.34 9.46 -5.39
CA GLY C 99 -5.45 9.22 -6.50
C GLY C 99 -6.22 9.73 -7.68
N GLY C 100 -5.51 10.04 -8.77
CA GLY C 100 -6.13 10.54 -9.97
C GLY C 100 -5.16 10.84 -11.10
N ASN C 101 -5.75 11.11 -12.24
CA ASN C 101 -4.99 11.44 -13.38
C ASN C 101 -3.91 10.33 -13.46
N TYR C 102 -4.30 9.10 -13.20
CA TYR C 102 -3.44 7.93 -13.22
C TYR C 102 -4.14 6.72 -13.60
N TYR C 103 -3.49 5.74 -14.24
CA TYR C 103 -4.34 4.59 -14.55
C TYR C 103 -4.19 3.53 -13.47
N ASN C 104 -5.36 3.41 -12.80
CA ASN C 104 -5.77 2.63 -11.64
C ASN C 104 -6.72 1.42 -11.75
N LEU C 105 -6.70 0.84 -12.96
CA LEU C 105 -7.34 -0.43 -13.29
C LEU C 105 -6.57 -1.27 -12.30
N TRP C 106 -5.26 -0.95 -12.19
CA TRP C 106 -4.24 -1.69 -11.43
C TRP C 106 -4.93 -1.53 -10.09
N THR C 107 -5.48 -0.33 -9.91
CA THR C 107 -6.21 0.09 -8.68
C THR C 107 -5.41 -0.13 -7.33
N GLY C 108 -4.68 -1.24 -7.32
CA GLY C 108 -3.73 -1.64 -6.32
C GLY C 108 -2.69 -0.62 -6.26
N TYR C 109 -2.29 -0.11 -7.41
CA TYR C 109 -1.21 0.84 -7.58
C TYR C 109 -1.25 2.38 -7.55
N TYR C 110 -2.38 3.07 -7.36
CA TYR C 110 -2.21 4.52 -7.48
C TYR C 110 -1.42 5.22 -6.39
N PRO C 111 -0.89 6.40 -6.74
CA PRO C 111 -0.12 7.20 -5.81
C PRO C 111 -1.16 8.03 -5.06
N LEU C 112 -0.80 8.72 -3.98
CA LEU C 112 -1.74 9.61 -3.25
C LEU C 112 -1.38 10.99 -3.78
N ALA C 113 -1.99 11.25 -4.92
CA ALA C 113 -1.91 12.44 -5.70
C ALA C 113 -2.49 13.70 -5.23
N TYR C 114 -3.66 13.71 -4.63
CA TYR C 114 -4.08 15.00 -4.14
C TYR C 114 -4.31 14.81 -2.65
N TRP C 115 -3.91 15.79 -1.85
CA TRP C 115 -4.04 15.81 -0.41
C TRP C 115 -4.84 16.94 0.09
N GLY C 116 -5.68 16.68 1.10
CA GLY C 116 -6.49 17.73 1.65
C GLY C 116 -5.70 18.58 2.60
N GLN C 117 -6.32 19.66 3.00
CA GLN C 117 -5.72 20.66 3.86
C GLN C 117 -5.34 20.05 5.17
N GLY C 118 -6.11 19.09 5.59
CA GLY C 118 -5.91 18.41 6.84
C GLY C 118 -7.05 18.94 7.66
N THR C 119 -7.50 18.17 8.63
CA THR C 119 -8.60 18.56 9.47
C THR C 119 -8.17 18.08 10.78
N LEU C 120 -8.59 18.75 11.84
CA LEU C 120 -8.08 18.38 13.16
C LEU C 120 -9.12 17.83 14.10
N VAL C 121 -8.74 16.81 14.85
CA VAL C 121 -9.60 16.28 15.88
C VAL C 121 -8.79 16.20 17.13
N THR C 122 -9.28 16.72 18.26
CA THR C 122 -8.52 16.51 19.53
C THR C 122 -9.55 15.94 20.49
N VAL C 123 -9.11 14.97 21.28
CA VAL C 123 -9.99 14.22 22.15
C VAL C 123 -9.46 14.50 23.50
N SER C 124 -10.35 14.88 24.40
CA SER C 124 -9.98 15.25 25.75
C SER C 124 -11.10 15.17 26.81
N SER C 125 -10.64 14.90 28.02
CA SER C 125 -11.39 14.85 29.25
C SER C 125 -12.07 16.20 29.57
N ALA C 126 -11.35 17.26 29.30
CA ALA C 126 -11.75 18.61 29.61
C ALA C 126 -12.88 19.19 28.78
N SER C 127 -13.51 20.21 29.35
CA SER C 127 -14.66 20.94 28.77
C SER C 127 -14.11 22.38 28.94
N THR C 128 -14.74 23.39 28.37
CA THR C 128 -14.02 24.65 28.35
C THR C 128 -13.66 25.23 29.66
N LYS C 129 -12.40 25.60 29.80
CA LYS C 129 -11.86 26.19 31.04
C LYS C 129 -11.06 27.43 30.76
N GLY C 130 -11.27 28.48 31.51
CA GLY C 130 -10.48 29.68 31.30
C GLY C 130 -9.02 29.51 31.72
N PRO C 131 -8.10 30.37 31.21
CA PRO C 131 -6.68 30.31 31.56
C PRO C 131 -6.54 30.98 32.91
N SER C 132 -5.45 30.77 33.63
CA SER C 132 -5.21 31.40 34.95
C SER C 132 -3.88 31.97 34.61
N VAL C 133 -3.57 33.19 35.09
CA VAL C 133 -2.28 33.80 34.71
C VAL C 133 -1.34 34.11 35.90
N PHE C 134 -0.08 33.71 35.87
CA PHE C 134 0.85 33.99 36.96
C PHE C 134 1.98 34.72 36.20
N PRO C 135 2.79 35.57 36.87
CA PRO C 135 3.87 36.30 36.19
C PRO C 135 5.26 35.76 36.45
N LEU C 136 6.17 35.87 35.47
CA LEU C 136 7.53 35.39 35.73
C LEU C 136 8.19 36.71 36.05
N ALA C 137 8.73 36.83 37.26
CA ALA C 137 9.38 38.05 37.66
C ALA C 137 10.78 38.20 37.05
N PRO C 138 11.11 39.35 36.41
CA PRO C 138 12.47 39.28 35.93
C PRO C 138 13.40 38.90 37.06
N SER C 139 14.14 37.84 36.81
CA SER C 139 15.15 37.23 37.67
C SER C 139 16.58 37.84 37.76
N SER C 140 17.35 37.35 38.72
CA SER C 140 18.78 37.66 38.93
C SER C 140 19.45 37.23 37.61
N LYS C 141 18.96 36.07 37.13
CA LYS C 141 19.32 35.32 35.90
C LYS C 141 19.10 36.14 34.62
N SER C 142 18.02 36.90 34.55
CA SER C 142 17.60 37.67 33.38
C SER C 142 18.54 38.77 32.78
N THR C 143 19.25 39.63 33.52
CA THR C 143 20.05 40.66 32.81
C THR C 143 21.59 40.61 32.50
N SER C 144 21.92 40.51 31.20
CA SER C 144 23.28 40.57 30.65
C SER C 144 23.16 41.62 29.52
N GLY C 145 24.12 42.52 29.39
CA GLY C 145 24.01 43.47 28.31
C GLY C 145 23.02 44.56 28.73
N GLY C 146 22.62 44.57 30.01
CA GLY C 146 21.64 45.56 30.44
C GLY C 146 20.23 45.10 30.03
N THR C 147 20.08 43.84 29.64
CA THR C 147 18.80 43.32 29.17
C THR C 147 18.41 42.03 29.92
N ALA C 148 17.12 41.94 30.22
CA ALA C 148 16.53 40.87 31.02
C ALA C 148 15.20 40.33 30.48
N ALA C 149 14.80 39.12 30.90
CA ALA C 149 13.54 38.50 30.49
C ALA C 149 12.48 38.36 31.61
N LEU C 150 11.20 38.63 31.27
CA LEU C 150 10.11 38.58 32.24
C LEU C 150 8.98 38.19 31.39
N GLY C 151 7.93 37.61 31.98
CA GLY C 151 6.78 37.12 31.22
C GLY C 151 5.58 36.55 31.94
N CYS C 152 4.69 35.93 31.21
CA CYS C 152 3.48 35.42 31.81
C CYS C 152 3.46 33.91 31.71
N LEU C 153 2.84 33.21 32.65
CA LEU C 153 2.77 31.76 32.52
C LEU C 153 1.29 31.53 32.34
N VAL C 154 0.87 30.88 31.30
CA VAL C 154 -0.56 30.77 31.12
C VAL C 154 -0.76 29.31 31.40
N LYS C 155 -1.62 29.02 32.39
CA LYS C 155 -1.73 27.69 32.93
C LYS C 155 -3.03 26.90 32.89
N ASP C 156 -3.00 25.60 32.62
CA ASP C 156 -4.23 24.85 32.85
C ASP C 156 -5.57 25.20 32.17
N TYR C 157 -5.61 25.39 30.85
CA TYR C 157 -6.87 25.76 30.19
C TYR C 157 -7.22 24.92 28.95
N PHE C 158 -8.53 24.78 28.63
CA PHE C 158 -9.00 24.05 27.43
C PHE C 158 -9.40 24.83 26.18
N PRO C 159 -10.01 24.17 25.17
CA PRO C 159 -10.44 24.62 23.85
C PRO C 159 -9.20 25.37 23.46
N GLU C 160 -8.43 24.81 22.54
CA GLU C 160 -7.15 25.36 22.16
C GLU C 160 -7.04 26.19 20.88
N PRO C 161 -6.77 27.51 21.05
CA PRO C 161 -6.50 28.89 20.62
C PRO C 161 -6.53 29.83 21.80
N VAL C 162 -5.39 30.31 22.26
CA VAL C 162 -5.29 31.31 23.36
C VAL C 162 -4.30 32.39 22.86
N THR C 163 -4.55 33.65 23.12
CA THR C 163 -3.68 34.65 22.54
C THR C 163 -3.08 35.72 23.46
N VAL C 164 -1.89 36.18 23.07
CA VAL C 164 -1.05 37.14 23.78
C VAL C 164 -0.60 38.47 23.24
N SER C 165 -0.77 39.53 24.01
CA SER C 165 -0.37 40.86 23.60
C SER C 165 0.24 41.57 24.77
N TRP C 166 1.16 42.49 24.52
CA TRP C 166 1.73 43.21 25.66
C TRP C 166 1.40 44.68 25.43
N ASN C 167 1.06 45.38 26.49
CA ASN C 167 0.55 46.74 26.40
C ASN C 167 -0.58 46.74 25.37
N SER C 168 -1.41 45.70 25.37
CA SER C 168 -2.51 45.65 24.42
C SER C 168 -1.99 45.94 23.00
N GLY C 169 -0.83 45.40 22.65
CA GLY C 169 -0.21 45.61 21.34
C GLY C 169 0.74 46.81 21.21
N ALA C 170 0.79 47.70 22.20
CA ALA C 170 1.71 48.83 22.13
C ALA C 170 3.17 48.36 22.03
N LEU C 171 3.55 47.33 22.79
CA LEU C 171 4.93 46.86 22.71
C LEU C 171 4.95 45.56 21.94
N THR C 172 5.56 45.59 20.76
CA THR C 172 5.60 44.43 19.89
C THR C 172 6.98 44.07 19.51
N SER C 173 7.98 44.52 20.25
CA SER C 173 9.34 44.27 19.80
C SER C 173 10.15 43.42 20.78
N GLY C 174 10.78 42.37 20.23
CA GLY C 174 11.48 41.47 21.10
C GLY C 174 10.52 40.62 21.95
N VAL C 175 9.35 40.39 21.34
CA VAL C 175 8.24 39.62 21.91
C VAL C 175 8.04 38.29 21.18
N HIS C 176 8.17 37.21 21.95
CA HIS C 176 7.97 35.84 21.46
C HIS C 176 7.01 35.07 22.39
N THR C 177 6.00 34.34 21.89
CA THR C 177 5.08 33.59 22.76
C THR C 177 5.25 32.14 22.34
N PHE C 178 5.47 31.24 23.28
CA PHE C 178 5.68 29.84 23.00
C PHE C 178 4.62 28.92 22.47
N PRO C 179 5.03 27.88 21.75
CA PRO C 179 4.00 26.98 21.28
C PRO C 179 3.44 26.46 22.57
N ALA C 180 2.19 26.04 22.57
CA ALA C 180 1.60 25.56 23.82
C ALA C 180 2.02 24.13 24.11
N VAL C 181 1.92 23.75 25.36
CA VAL C 181 2.26 22.45 25.86
C VAL C 181 1.08 21.82 26.47
N LEU C 182 0.77 20.58 26.13
CA LEU C 182 -0.42 19.95 26.71
C LEU C 182 -0.07 19.04 27.88
N GLN C 183 -0.72 19.41 28.96
CA GLN C 183 -0.62 18.87 30.31
C GLN C 183 -1.40 17.54 30.46
N SER C 184 -0.96 16.75 31.42
CA SER C 184 -1.54 15.46 31.76
C SER C 184 -2.96 15.68 32.32
N SER C 185 -3.21 16.92 32.75
CA SER C 185 -4.50 17.38 33.33
C SER C 185 -5.53 17.15 32.26
N GLY C 186 -5.11 17.45 31.04
CA GLY C 186 -5.99 17.36 29.91
C GLY C 186 -6.13 18.82 29.47
N LEU C 187 -5.39 19.69 30.16
CA LEU C 187 -5.38 21.11 29.83
C LEU C 187 -4.06 21.66 29.26
N TYR C 188 -4.17 22.38 28.14
CA TYR C 188 -3.02 23.01 27.44
C TYR C 188 -2.47 24.18 28.26
N SER C 189 -1.16 24.39 28.27
CA SER C 189 -0.54 25.51 28.98
C SER C 189 0.45 26.29 28.08
N LEU C 190 0.44 27.59 28.19
CA LEU C 190 1.24 28.56 27.46
C LEU C 190 2.06 29.67 28.05
N SER C 191 3.35 29.87 27.72
CA SER C 191 4.00 31.05 28.32
C SER C 191 4.52 32.05 27.30
N SER C 192 4.38 33.33 27.56
CA SER C 192 4.78 34.32 26.59
C SER C 192 5.85 35.06 27.34
N VAL C 193 7.01 35.17 26.69
CA VAL C 193 8.22 35.74 27.26
C VAL C 193 8.85 36.82 26.43
N VAL C 194 9.16 37.94 27.03
CA VAL C 194 9.81 39.05 26.32
C VAL C 194 11.04 39.55 27.11
N THR C 195 12.16 39.89 26.43
CA THR C 195 13.33 40.39 27.18
C THR C 195 13.43 41.92 26.98
N VAL C 196 13.86 42.62 28.03
CA VAL C 196 13.94 44.09 28.02
C VAL C 196 15.17 44.70 28.66
N PRO C 197 15.46 45.96 28.33
CA PRO C 197 16.63 46.61 28.93
C PRO C 197 16.45 46.85 30.45
N SER C 198 17.53 46.68 31.24
CA SER C 198 17.52 46.91 32.68
C SER C 198 17.16 48.31 33.11
N SER C 199 17.67 49.28 32.37
CA SER C 199 17.49 50.73 32.63
C SER C 199 16.00 51.03 32.57
N SER C 200 15.35 50.34 31.64
CA SER C 200 13.90 50.36 31.43
C SER C 200 13.10 49.91 32.63
N LEU C 201 13.55 48.87 33.33
CA LEU C 201 12.78 48.30 34.41
C LEU C 201 12.38 49.15 35.63
N GLY C 202 13.22 50.01 36.18
CA GLY C 202 12.69 50.79 37.30
C GLY C 202 11.57 51.69 36.80
N THR C 203 11.91 52.39 35.72
CA THR C 203 11.02 53.34 35.07
C THR C 203 9.80 52.82 34.32
N GLN C 204 9.94 51.71 33.60
CA GLN C 204 8.83 51.14 32.81
C GLN C 204 8.06 49.92 33.33
N THR C 205 6.73 50.03 33.33
CA THR C 205 5.86 48.96 33.78
C THR C 205 5.28 48.16 32.59
N TYR C 206 5.11 46.84 32.76
CA TYR C 206 4.62 45.96 31.67
C TYR C 206 3.29 45.19 31.91
N ILE C 207 2.38 45.27 30.95
CA ILE C 207 1.16 44.46 31.00
C ILE C 207 0.95 43.49 29.85
N CYS C 208 0.65 42.23 30.17
CA CYS C 208 0.50 41.25 29.12
C CYS C 208 -0.95 40.92 29.24
N ASN C 209 -1.55 40.65 28.09
CA ASN C 209 -2.95 40.37 27.94
C ASN C 209 -3.16 38.96 27.37
N VAL C 210 -4.08 38.25 27.97
CA VAL C 210 -4.41 36.94 27.52
C VAL C 210 -5.87 37.02 27.15
N ASN C 211 -6.18 36.54 25.94
CA ASN C 211 -7.55 36.50 25.38
C ASN C 211 -7.95 35.11 25.08
N HIS C 212 -9.10 34.63 25.50
CA HIS C 212 -9.34 33.25 25.13
C HIS C 212 -10.81 33.16 24.68
N LYS C 213 -11.08 33.03 23.36
CA LYS C 213 -12.46 32.87 22.83
C LYS C 213 -13.42 31.84 23.37
N PRO C 214 -12.99 30.58 23.47
CA PRO C 214 -13.71 29.39 23.97
C PRO C 214 -14.19 29.55 25.43
N SER C 215 -13.20 29.94 26.25
CA SER C 215 -13.21 30.33 27.69
C SER C 215 -14.13 31.54 27.78
N ASN C 216 -13.97 32.38 26.76
CA ASN C 216 -14.60 33.65 26.63
C ASN C 216 -14.19 34.56 27.77
N THR C 217 -12.91 34.49 28.14
CA THR C 217 -12.47 35.35 29.19
C THR C 217 -11.19 36.09 28.75
N LYS C 218 -11.01 37.31 29.24
CA LYS C 218 -9.82 38.08 29.00
C LYS C 218 -9.20 38.60 30.27
N VAL C 219 -7.89 38.37 30.40
CA VAL C 219 -7.05 38.82 31.53
C VAL C 219 -5.90 39.63 31.19
N ASP C 220 -5.70 40.77 31.84
CA ASP C 220 -4.49 41.47 31.56
C ASP C 220 -3.89 41.48 32.95
N LYS C 221 -2.58 41.18 33.04
CA LYS C 221 -1.82 41.16 34.29
C LYS C 221 -0.45 41.77 34.07
N LYS C 222 -0.02 42.54 35.04
CA LYS C 222 1.23 43.28 35.01
C LYS C 222 2.26 42.51 35.81
N VAL C 223 3.47 42.48 35.30
CA VAL C 223 4.49 41.69 35.93
C VAL C 223 5.43 42.70 36.52
N GLU C 224 5.58 42.59 37.84
CA GLU C 224 6.41 43.50 38.61
C GLU C 224 7.70 42.80 39.15
N PRO C 225 8.88 43.29 38.78
CA PRO C 225 10.14 42.71 39.25
C PRO C 225 10.27 42.51 40.76
N SER D 2 6.87 -5.66 9.40
CA SER D 2 5.64 -4.86 9.13
C SER D 2 5.90 -3.35 9.20
N VAL D 3 7.17 -2.94 9.32
CA VAL D 3 7.50 -1.50 9.39
C VAL D 3 8.75 -1.02 8.60
N LEU D 4 8.67 0.14 7.96
CA LEU D 4 9.79 0.71 7.25
C LEU D 4 10.71 1.58 8.10
N THR D 5 12.03 1.69 7.82
CA THR D 5 12.85 2.58 8.67
C THR D 5 13.62 3.51 7.76
N GLN D 6 13.72 4.75 8.18
CA GLN D 6 14.46 5.80 7.50
C GLN D 6 15.22 6.70 8.49
N PRO D 7 16.23 7.43 8.08
CA PRO D 7 16.71 8.10 9.27
C PRO D 7 15.85 9.23 9.94
N PRO D 8 16.06 9.46 11.26
CA PRO D 8 15.29 10.48 11.97
C PRO D 8 15.92 11.81 11.67
N SER D 9 17.23 11.93 11.38
CA SER D 9 17.67 13.27 10.90
C SER D 9 18.83 13.42 9.90
N VAL D 10 18.65 14.48 9.16
CA VAL D 10 19.52 14.94 8.09
C VAL D 10 19.84 16.43 7.87
N SER D 11 21.08 16.80 7.54
CA SER D 11 21.37 18.23 7.27
C SER D 11 22.32 18.62 6.10
N ALA D 12 22.22 19.83 5.55
CA ALA D 12 23.10 20.30 4.46
C ALA D 12 23.27 21.79 4.17
N ALA D 13 24.37 22.13 3.49
CA ALA D 13 24.65 23.51 3.01
C ALA D 13 23.70 23.91 1.88
N PRO D 14 23.52 25.19 1.57
CA PRO D 14 22.65 25.71 0.52
C PRO D 14 23.08 25.44 -0.96
N GLY D 15 24.27 24.93 -1.19
CA GLY D 15 24.64 24.53 -2.55
C GLY D 15 24.44 23.02 -2.83
N GLN D 16 24.79 22.33 -1.76
CA GLN D 16 24.95 20.89 -1.60
C GLN D 16 23.93 19.82 -1.79
N LYS D 17 24.40 18.74 -2.37
CA LYS D 17 23.58 17.55 -2.50
C LYS D 17 23.50 16.67 -1.23
N VAL D 18 22.31 16.14 -0.99
CA VAL D 18 21.89 15.27 0.12
C VAL D 18 20.96 14.07 -0.12
N THR D 19 21.13 12.91 0.49
CA THR D 19 20.12 11.88 0.24
C THR D 19 19.53 11.22 1.48
N ILE D 20 18.26 10.79 1.36
CA ILE D 20 17.51 10.12 2.42
C ILE D 20 17.07 8.77 2.03
N SER D 21 17.53 7.79 2.80
CA SER D 21 17.30 6.42 2.45
C SER D 21 16.45 5.63 3.38
N CYS D 22 15.47 4.96 2.78
CA CYS D 22 14.48 4.14 3.50
C CYS D 22 14.55 2.67 3.12
N SER D 23 14.56 1.77 4.11
CA SER D 23 14.71 0.34 3.88
C SER D 23 13.64 -0.51 4.51
N GLY D 24 13.22 -1.51 3.78
CA GLY D 24 12.17 -2.37 4.28
C GLY D 24 12.45 -3.82 4.03
N SER D 25 11.39 -4.52 3.68
CA SER D 25 11.35 -5.96 3.44
C SER D 25 10.69 -6.40 2.10
N SER D 26 11.16 -7.53 1.60
CA SER D 26 10.67 -8.01 0.33
C SER D 26 9.15 -8.06 0.47
N SER D 27 8.62 -8.31 1.67
CA SER D 27 7.18 -8.29 1.84
C SER D 27 6.48 -6.94 1.49
N ASN D 28 7.09 -5.80 1.85
CA ASN D 28 6.52 -4.51 1.41
C ASN D 28 7.12 -3.99 0.09
N ILE D 29 8.32 -3.38 0.21
CA ILE D 29 9.07 -2.79 -0.90
C ILE D 29 9.54 -3.59 -2.12
N GLY D 30 10.07 -4.79 -1.91
CA GLY D 30 10.58 -5.45 -3.10
C GLY D 30 9.42 -5.60 -3.99
N LYS D 31 8.33 -6.12 -3.47
CA LYS D 31 7.14 -6.26 -4.24
C LYS D 31 6.40 -5.07 -4.85
N ASN D 32 6.30 -3.97 -4.12
CA ASN D 32 5.44 -2.82 -4.51
C ASN D 32 6.02 -1.43 -4.75
N TYR D 33 5.29 -0.54 -5.39
CA TYR D 33 5.85 0.77 -5.61
C TYR D 33 6.03 1.64 -4.40
N VAL D 34 7.06 2.49 -4.50
CA VAL D 34 7.54 3.48 -3.52
C VAL D 34 7.24 4.87 -4.04
N SER D 35 6.57 5.69 -3.26
CA SER D 35 6.31 7.02 -3.74
C SER D 35 6.74 7.83 -2.48
N TRP D 36 7.11 9.13 -2.61
CA TRP D 36 7.73 9.99 -1.51
C TRP D 36 6.84 11.28 -1.16
N TYR D 37 6.71 11.65 0.14
CA TYR D 37 5.86 12.79 0.42
C TYR D 37 6.61 13.94 1.10
N GLN D 38 6.44 15.20 0.65
CA GLN D 38 7.18 16.35 1.22
C GLN D 38 6.36 17.14 2.21
N GLN D 39 6.75 17.26 3.46
CA GLN D 39 5.88 18.07 4.24
C GLN D 39 6.52 19.32 4.83
N LEU D 40 6.01 20.41 4.34
CA LEU D 40 6.34 21.69 4.77
C LEU D 40 5.87 22.09 6.14
N PRO D 41 6.50 23.12 6.72
CA PRO D 41 6.10 23.58 8.04
C PRO D 41 4.56 23.62 8.31
N GLY D 42 4.03 22.60 8.97
CA GLY D 42 2.63 22.71 9.38
C GLY D 42 1.54 22.68 8.32
N ALA D 43 1.93 22.17 7.17
CA ALA D 43 1.11 22.02 5.97
C ALA D 43 0.76 20.56 5.65
N ALA D 44 -0.25 20.33 4.82
CA ALA D 44 -0.51 18.97 4.55
C ALA D 44 0.62 18.44 3.69
N PRO D 45 0.93 17.10 3.84
CA PRO D 45 1.98 16.43 3.09
C PRO D 45 1.52 16.39 1.66
N LYS D 46 2.49 16.55 0.79
CA LYS D 46 2.49 16.60 -0.69
C LYS D 46 3.26 15.42 -1.35
N LEU D 47 2.82 14.92 -2.50
CA LEU D 47 3.57 13.80 -3.07
C LEU D 47 4.79 14.28 -3.85
N LEU D 48 5.98 14.16 -3.24
CA LEU D 48 7.22 14.60 -3.90
C LEU D 48 7.64 13.78 -5.02
N ILE D 49 7.45 12.46 -4.80
CA ILE D 49 7.70 11.30 -5.71
C ILE D 49 6.72 10.07 -5.80
N PHE D 50 6.43 9.49 -6.98
CA PHE D 50 5.56 8.26 -7.02
C PHE D 50 6.12 7.32 -8.10
N ASP D 51 5.75 6.05 -7.99
CA ASP D 51 6.31 4.99 -8.85
C ASP D 51 7.83 4.96 -8.96
N ASP D 52 8.52 5.03 -7.84
CA ASP D 52 9.93 4.89 -7.76
C ASP D 52 10.70 6.02 -8.35
N THR D 53 10.52 6.27 -9.63
CA THR D 53 11.27 7.36 -10.19
C THR D 53 10.44 8.45 -10.78
N GLN D 54 9.11 8.45 -10.57
CA GLN D 54 8.38 9.47 -11.31
C GLN D 54 7.97 10.69 -10.52
N ARG D 55 8.47 11.82 -10.98
CA ARG D 55 8.20 13.12 -10.40
C ARG D 55 6.94 13.73 -11.10
N PRO D 56 5.97 14.22 -10.32
CA PRO D 56 4.75 14.82 -10.83
C PRO D 56 4.98 16.21 -11.20
N SER D 57 4.08 16.88 -11.88
CA SER D 57 4.21 18.28 -12.27
C SER D 57 4.36 19.33 -11.22
N GLY D 58 5.23 20.32 -11.47
CA GLY D 58 5.50 21.42 -10.54
C GLY D 58 6.66 21.19 -9.54
N ILE D 59 7.15 19.94 -9.45
CA ILE D 59 8.31 19.56 -8.64
C ILE D 59 9.53 19.98 -9.50
N PRO D 60 10.56 20.52 -8.89
CA PRO D 60 11.58 20.81 -9.88
C PRO D 60 12.48 19.56 -10.11
N ASP D 61 13.32 19.61 -11.14
CA ASP D 61 14.17 18.50 -11.56
C ASP D 61 15.28 18.22 -10.58
N ARG D 62 15.42 19.10 -9.58
CA ARG D 62 16.37 18.93 -8.50
C ARG D 62 15.96 17.61 -7.85
N PHE D 63 14.68 17.33 -7.70
CA PHE D 63 14.26 16.07 -7.08
C PHE D 63 14.33 14.79 -7.91
N SER D 64 14.87 13.73 -7.33
CA SER D 64 14.96 12.45 -8.02
C SER D 64 14.69 11.22 -7.16
N GLY D 65 14.34 10.07 -7.74
CA GLY D 65 14.16 8.85 -6.94
C GLY D 65 14.83 7.58 -7.52
N SER D 66 15.09 6.59 -6.65
CA SER D 66 15.63 5.31 -7.10
C SER D 66 15.12 4.22 -6.20
N LYS D 67 15.10 3.01 -6.75
CA LYS D 67 14.72 1.82 -6.02
C LYS D 67 15.60 0.63 -6.39
N SER D 68 16.08 -0.17 -5.45
CA SER D 68 16.87 -1.36 -5.82
C SER D 68 16.84 -2.30 -4.62
N GLY D 69 16.91 -3.59 -4.84
CA GLY D 69 16.87 -4.47 -3.71
C GLY D 69 15.65 -4.17 -2.84
N THR D 70 15.83 -4.23 -1.52
CA THR D 70 14.71 -3.99 -0.59
C THR D 70 14.79 -2.64 0.12
N SER D 71 15.41 -1.69 -0.57
CA SER D 71 15.49 -0.36 -0.02
C SER D 71 15.25 0.55 -1.23
N ALA D 72 14.85 1.80 -0.98
CA ALA D 72 14.64 2.85 -1.99
C ALA D 72 15.28 4.12 -1.43
N THR D 73 15.80 4.95 -2.31
CA THR D 73 16.53 6.19 -2.05
C THR D 73 16.01 7.51 -2.59
N LEU D 74 15.89 8.55 -1.79
CA LEU D 74 15.38 9.83 -2.33
C LEU D 74 16.64 10.78 -2.57
N ALA D 75 16.76 11.41 -3.72
CA ALA D 75 17.87 12.31 -3.97
C ALA D 75 17.52 13.78 -4.29
N ILE D 76 18.24 14.69 -3.65
CA ILE D 76 18.19 16.14 -3.74
C ILE D 76 19.44 16.99 -4.19
N THR D 77 19.30 17.90 -5.14
CA THR D 77 20.49 18.69 -5.50
C THR D 77 20.29 20.22 -5.49
N GLY D 78 21.37 20.98 -5.23
CA GLY D 78 21.19 22.42 -5.28
C GLY D 78 20.34 22.75 -4.09
N LEU D 79 20.50 22.09 -2.94
CA LEU D 79 19.47 22.23 -1.89
C LEU D 79 19.33 23.64 -1.47
N GLN D 80 18.08 24.02 -1.26
CA GLN D 80 17.60 25.41 -1.05
C GLN D 80 17.12 25.67 0.40
N THR D 81 17.10 26.92 0.83
CA THR D 81 16.61 27.28 2.14
C THR D 81 15.15 26.80 2.06
N GLY D 82 14.53 27.01 0.90
CA GLY D 82 13.13 26.63 0.65
C GLY D 82 12.77 25.16 0.85
N ASP D 83 13.73 24.29 0.57
CA ASP D 83 13.62 22.82 0.66
C ASP D 83 13.49 22.28 2.08
N GLU D 84 13.72 23.12 3.07
CA GLU D 84 13.55 22.61 4.40
C GLU D 84 12.12 22.15 4.56
N ALA D 85 11.93 20.98 5.18
CA ALA D 85 10.64 20.32 5.37
C ALA D 85 10.93 18.94 5.89
N ASP D 86 9.93 18.06 5.96
CA ASP D 86 10.13 16.69 6.48
C ASP D 86 9.76 15.67 5.36
N TYR D 87 10.58 14.66 5.03
CA TYR D 87 10.18 13.75 3.90
C TYR D 87 9.78 12.31 4.36
N TYR D 88 8.69 11.76 3.80
CA TYR D 88 8.25 10.40 4.21
C TYR D 88 8.20 9.35 3.05
N CYS D 89 8.61 8.09 3.26
CA CYS D 89 8.58 7.13 2.17
C CYS D 89 7.40 6.17 2.29
N GLY D 90 6.60 6.13 1.22
CA GLY D 90 5.41 5.27 1.16
C GLY D 90 5.44 4.08 0.23
N THR D 91 5.02 2.94 0.73
CA THR D 91 5.05 1.71 -0.05
C THR D 91 3.73 1.03 0.31
N TRP D 92 3.11 0.25 -0.59
CA TRP D 92 1.78 -0.31 -0.35
C TRP D 92 2.28 -1.69 0.07
N ASP D 93 1.73 -2.38 1.07
CA ASP D 93 2.38 -3.67 1.42
C ASP D 93 1.49 -4.90 1.28
N SER D 94 1.97 -5.95 0.59
CA SER D 94 1.24 -7.22 0.36
C SER D 94 0.93 -8.17 1.51
N SER D 95 1.92 -8.33 2.41
CA SER D 95 1.79 -9.31 3.49
C SER D 95 0.80 -8.99 4.56
N LEU D 96 0.38 -10.06 5.20
CA LEU D 96 -0.53 -10.02 6.32
C LEU D 96 -1.66 -9.14 5.76
N SER D 97 -2.47 -8.57 6.66
CA SER D 97 -3.47 -7.55 6.31
C SER D 97 -2.99 -6.27 5.72
N THR D 98 -1.87 -5.96 6.39
CA THR D 98 -1.51 -4.58 6.61
C THR D 98 -1.61 -3.43 5.66
N GLY D 99 -1.71 -3.65 4.37
CA GLY D 99 -1.96 -2.49 3.54
C GLY D 99 -0.85 -1.47 3.39
N GLN D 100 -1.27 -0.22 3.20
CA GLN D 100 -0.37 0.91 2.99
C GLN D 100 0.51 1.08 4.25
N LEU D 101 1.81 1.39 4.10
CA LEU D 101 2.74 1.61 5.20
C LEU D 101 3.64 2.75 4.98
N PHE D 102 3.95 3.42 6.06
CA PHE D 102 4.81 4.59 6.07
C PHE D 102 6.04 4.44 6.92
N GLY D 103 7.21 4.92 6.49
CA GLY D 103 8.34 4.83 7.40
C GLY D 103 8.14 5.96 8.40
N GLY D 104 8.94 6.04 9.45
CA GLY D 104 8.71 7.09 10.40
C GLY D 104 8.83 8.42 9.73
N GLY D 105 9.79 8.56 8.85
CA GLY D 105 10.07 9.80 8.14
C GLY D 105 11.30 10.50 8.72
N THR D 106 11.83 11.52 8.05
CA THR D 106 12.98 12.19 8.56
C THR D 106 12.70 13.67 8.48
N LYS D 107 13.35 14.45 9.32
CA LYS D 107 13.23 15.88 9.27
C LYS D 107 14.58 16.27 8.69
N LEU D 108 14.54 17.12 7.66
CA LEU D 108 15.73 17.56 6.91
C LEU D 108 15.83 18.95 7.23
N THR D 109 17.03 19.42 7.43
CA THR D 109 17.18 20.81 7.79
C THR D 109 18.36 21.25 6.94
N VAL D 110 18.38 22.51 6.56
CA VAL D 110 19.43 23.08 5.76
C VAL D 110 19.90 24.15 6.74
N LEU D 111 21.18 24.48 6.68
CA LEU D 111 21.68 25.39 7.70
C LEU D 111 21.70 26.75 7.04
N GLY D 112 20.98 27.71 7.57
CA GLY D 112 21.04 29.03 6.99
C GLY D 112 21.88 29.94 7.85
N GLN D 113 22.31 29.40 8.98
CA GLN D 113 23.07 30.10 10.01
C GLN D 113 24.32 29.46 10.54
N PRO D 114 25.15 30.29 11.16
CA PRO D 114 26.39 29.86 11.78
C PRO D 114 25.86 29.19 13.05
N LYS D 115 26.59 28.27 13.63
CA LYS D 115 26.05 27.61 14.80
C LYS D 115 25.79 28.69 15.86
N ALA D 116 24.67 28.57 16.52
CA ALA D 116 24.37 29.54 17.57
C ALA D 116 24.14 28.87 18.93
N ALA D 117 24.81 29.37 19.96
CA ALA D 117 24.67 28.85 21.31
C ALA D 117 23.33 29.18 21.89
N PRO D 118 22.81 28.34 22.77
CA PRO D 118 21.51 28.57 23.41
C PRO D 118 21.72 29.60 24.47
N SER D 119 20.71 30.40 24.82
CA SER D 119 20.92 31.36 25.91
C SER D 119 19.87 30.91 26.87
N VAL D 120 20.24 30.68 28.11
CA VAL D 120 19.24 30.12 29.00
C VAL D 120 18.91 30.97 30.21
N THR D 121 17.62 31.23 30.48
CA THR D 121 17.36 31.99 31.69
C THR D 121 16.32 31.09 32.28
N LEU D 122 16.29 30.91 33.60
CA LEU D 122 15.31 30.01 34.23
C LEU D 122 14.43 30.77 35.20
N PHE D 123 13.14 30.47 35.25
CA PHE D 123 12.35 31.20 36.21
C PHE D 123 11.73 30.25 37.23
N PRO D 124 11.51 30.77 38.47
CA PRO D 124 11.00 30.39 39.76
C PRO D 124 9.49 30.33 39.75
N PRO D 125 8.90 29.62 40.70
CA PRO D 125 7.44 29.53 40.76
C PRO D 125 6.90 30.90 41.16
N SER D 126 5.71 31.30 40.68
CA SER D 126 5.12 32.61 41.03
C SER D 126 4.67 32.66 42.49
N SER D 127 4.68 33.83 43.13
CA SER D 127 4.18 33.77 44.49
C SER D 127 2.70 33.40 44.39
N GLU D 128 2.02 33.97 43.40
CA GLU D 128 0.61 33.76 43.36
C GLU D 128 0.36 32.27 43.21
N GLU D 129 1.18 31.65 42.38
CA GLU D 129 1.05 30.24 42.12
C GLU D 129 1.27 29.27 43.32
N LEU D 130 2.25 29.53 44.18
CA LEU D 130 2.46 28.71 45.36
C LEU D 130 1.18 28.79 46.20
N GLN D 131 0.67 30.01 46.21
CA GLN D 131 -0.49 30.51 46.94
C GLN D 131 -1.67 29.69 46.48
N ALA D 132 -1.72 29.41 45.18
CA ALA D 132 -2.80 28.60 44.54
C ALA D 132 -2.55 27.07 44.65
N ASN D 133 -1.49 26.72 45.37
CA ASN D 133 -0.95 25.37 45.58
C ASN D 133 -0.49 24.54 44.36
N LYS D 134 0.18 25.22 43.42
CA LYS D 134 0.81 24.55 42.30
C LYS D 134 2.18 25.29 42.12
N ALA D 135 3.22 24.64 41.66
CA ALA D 135 4.41 25.42 41.39
C ALA D 135 4.99 24.94 40.06
N THR D 136 5.21 25.89 39.15
CA THR D 136 5.74 25.61 37.84
C THR D 136 7.03 26.36 37.67
N LEU D 137 8.09 25.69 37.23
CA LEU D 137 9.41 26.33 37.06
C LEU D 137 9.37 26.60 35.59
N VAL D 138 9.84 27.72 35.14
CA VAL D 138 9.65 27.85 33.76
C VAL D 138 11.07 27.94 33.28
N CYS D 139 11.46 27.14 32.26
CA CYS D 139 12.83 27.24 31.67
C CYS D 139 12.68 27.82 30.28
N LEU D 140 13.48 28.85 29.99
CA LEU D 140 13.48 29.48 28.67
C LEU D 140 14.83 29.13 28.11
N ILE D 141 14.82 28.62 26.85
CA ILE D 141 16.00 28.18 26.15
C ILE D 141 15.84 29.19 24.98
N SER D 142 16.77 30.08 24.70
CA SER D 142 16.58 31.03 23.58
C SER D 142 17.76 31.43 22.65
N ASP D 143 17.44 31.91 21.47
CA ASP D 143 18.42 32.35 20.51
C ASP D 143 19.49 31.41 19.92
N PHE D 144 19.10 30.18 19.64
CA PHE D 144 20.04 29.20 19.19
C PHE D 144 19.53 28.52 17.97
N TYR D 145 20.52 28.02 17.23
CA TYR D 145 20.41 27.34 15.94
C TYR D 145 21.39 26.20 15.98
N PRO D 146 21.20 25.15 15.25
CA PRO D 146 20.17 24.72 14.31
C PRO D 146 19.06 24.56 15.28
N GLY D 147 17.81 24.37 14.83
CA GLY D 147 16.67 24.27 15.73
C GLY D 147 16.67 23.16 16.76
N ALA D 148 17.08 21.95 16.43
CA ALA D 148 16.99 20.88 17.42
C ALA D 148 17.80 21.06 18.67
N VAL D 149 17.11 20.87 19.78
CA VAL D 149 17.66 20.99 21.11
C VAL D 149 17.07 19.96 22.03
N THR D 150 17.80 19.50 23.03
CA THR D 150 17.26 18.53 24.00
C THR D 150 17.52 19.00 25.43
N VAL D 151 16.55 18.82 26.34
CA VAL D 151 16.66 19.23 27.77
C VAL D 151 16.31 18.22 28.84
N ALA D 152 16.79 18.42 30.07
CA ALA D 152 16.44 17.53 31.19
C ALA D 152 16.48 18.30 32.52
N TRP D 153 15.77 17.83 33.57
CA TRP D 153 15.77 18.59 34.86
C TRP D 153 16.32 17.73 35.98
N LYS D 154 17.10 18.38 36.82
CA LYS D 154 17.78 17.67 37.89
C LYS D 154 17.79 18.35 39.29
N ALA D 155 17.42 17.61 40.33
CA ALA D 155 17.41 18.11 41.72
C ALA D 155 18.67 17.63 42.46
N ASP D 156 19.54 18.52 42.96
CA ASP D 156 20.79 18.04 43.60
C ASP D 156 21.52 17.05 42.74
N SER D 157 21.50 17.41 41.47
CA SER D 157 22.14 16.67 40.39
C SER D 157 21.75 15.18 40.44
N SER D 158 20.48 14.96 40.77
CA SER D 158 19.85 13.64 40.78
C SER D 158 18.67 13.71 39.78
N PRO D 159 18.74 13.04 38.62
CA PRO D 159 17.66 13.07 37.61
C PRO D 159 16.20 12.93 38.03
N VAL D 160 15.32 13.80 37.54
CA VAL D 160 13.91 13.56 37.82
C VAL D 160 13.33 13.38 36.40
N LYS D 161 12.72 12.23 36.05
CA LYS D 161 12.08 12.09 34.72
C LYS D 161 10.60 12.28 34.81
N ALA D 162 10.14 12.52 36.03
CA ALA D 162 8.72 12.64 36.33
C ALA D 162 8.31 14.10 36.36
N GLY D 163 7.13 14.40 35.82
CA GLY D 163 6.69 15.77 35.80
C GLY D 163 7.37 16.74 34.84
N VAL D 164 7.86 16.25 33.69
CA VAL D 164 8.46 17.17 32.72
C VAL D 164 7.71 17.13 31.38
N GLU D 165 7.32 18.29 30.84
CA GLU D 165 6.68 18.43 29.51
C GLU D 165 7.62 19.35 28.69
N THR D 166 7.88 19.13 27.40
CA THR D 166 8.70 20.13 26.65
C THR D 166 8.24 20.69 25.32
N THR D 167 8.40 21.98 25.02
CA THR D 167 7.92 22.41 23.70
C THR D 167 9.03 22.12 22.71
N THR D 168 8.72 21.58 21.51
CA THR D 168 9.76 21.35 20.49
C THR D 168 10.24 22.68 19.96
N PRO D 169 11.51 22.75 19.54
CA PRO D 169 12.14 23.94 19.01
C PRO D 169 11.17 24.82 18.23
N SER D 170 11.39 26.13 18.28
CA SER D 170 10.60 27.20 17.63
C SER D 170 11.27 28.32 16.81
N LYS D 171 10.58 28.88 15.83
CA LYS D 171 11.16 30.02 15.13
C LYS D 171 10.87 31.15 16.04
N GLN D 172 11.63 32.20 15.87
CA GLN D 172 11.60 33.31 16.77
C GLN D 172 11.70 34.61 15.88
N SER D 173 11.35 35.77 16.41
CA SER D 173 11.35 37.00 15.60
C SER D 173 12.62 37.32 14.77
N ASN D 174 13.80 36.88 15.24
CA ASN D 174 15.16 37.08 14.59
C ASN D 174 15.73 35.91 13.77
N ASN D 175 14.87 34.95 13.48
CA ASN D 175 15.13 33.71 12.75
C ASN D 175 16.15 32.78 13.39
N LYS D 176 16.08 32.69 14.71
CA LYS D 176 16.89 31.74 15.47
C LYS D 176 15.87 30.99 16.31
N TYR D 177 16.23 29.82 16.78
CA TYR D 177 15.26 29.03 17.48
C TYR D 177 15.42 29.13 18.98
N ALA D 178 14.27 29.26 19.66
CA ALA D 178 14.06 29.33 21.12
C ALA D 178 12.99 28.32 21.44
N ALA D 179 12.96 27.82 22.67
CA ALA D 179 11.95 26.83 23.05
C ALA D 179 11.76 26.83 24.55
N SER D 180 10.65 26.32 25.08
CA SER D 180 10.42 26.32 26.54
C SER D 180 10.21 24.95 27.17
N SER D 181 10.76 24.75 28.37
CA SER D 181 10.60 23.50 29.13
C SER D 181 9.96 23.79 30.46
N TYR D 182 8.97 22.98 30.91
CA TYR D 182 8.28 23.26 32.17
C TYR D 182 8.46 22.10 33.17
N LEU D 183 8.67 22.41 34.42
CA LEU D 183 8.77 21.38 35.46
C LEU D 183 7.77 21.76 36.51
N SER D 184 6.89 20.85 36.93
CA SER D 184 6.01 21.21 38.04
C SER D 184 5.92 20.25 39.22
N LEU D 185 5.87 20.77 40.44
CA LEU D 185 5.74 19.94 41.64
C LEU D 185 5.01 20.80 42.70
N THR D 186 4.41 20.17 43.70
CA THR D 186 3.73 20.97 44.73
C THR D 186 4.81 21.68 45.51
N PRO D 187 4.47 22.84 46.10
CA PRO D 187 5.48 23.56 46.86
C PRO D 187 6.04 22.72 47.99
N GLU D 188 5.43 21.55 48.22
CA GLU D 188 5.90 20.65 49.28
C GLU D 188 7.39 20.28 48.94
N GLN D 189 7.59 19.86 47.69
CA GLN D 189 8.89 19.56 47.09
C GLN D 189 9.81 20.72 46.82
N TRP D 190 9.18 21.80 46.36
CA TRP D 190 9.91 22.97 45.93
C TRP D 190 10.68 23.45 47.12
N LYS D 191 9.98 23.54 48.28
CA LYS D 191 10.63 24.01 49.50
C LYS D 191 11.85 23.23 50.09
N SER D 192 11.77 21.90 50.04
CA SER D 192 12.82 21.08 50.62
C SER D 192 14.27 20.91 50.11
N HIS D 193 14.50 20.81 48.78
CA HIS D 193 15.86 20.64 48.21
C HIS D 193 16.70 21.91 48.11
N ARG D 194 18.03 21.77 48.12
CA ARG D 194 18.89 22.96 48.11
C ARG D 194 18.62 23.81 46.85
N SER D 195 18.45 23.11 45.72
CA SER D 195 18.23 23.73 44.40
C SER D 195 17.64 22.85 43.26
N TYR D 196 17.08 23.47 42.23
CA TYR D 196 16.63 22.74 41.04
C TYR D 196 17.36 23.22 39.79
N SER D 197 17.73 22.31 38.90
CA SER D 197 18.38 22.74 37.65
C SER D 197 17.87 22.21 36.29
N CYS D 198 17.85 23.13 35.33
CA CYS D 198 17.45 22.86 33.95
C CYS D 198 18.75 22.82 33.14
N GLN D 199 18.99 21.79 32.32
CA GLN D 199 20.21 21.88 31.50
C GLN D 199 19.92 21.56 30.02
N VAL D 200 20.71 22.20 29.17
CA VAL D 200 20.53 22.14 27.73
C VAL D 200 21.70 21.59 27.01
N THR D 201 21.41 20.63 26.17
CA THR D 201 22.46 20.00 25.41
C THR D 201 22.26 20.58 24.03
N HIS D 202 23.24 21.27 23.47
CA HIS D 202 23.00 21.69 22.13
C HIS D 202 24.19 21.26 21.34
N GLU D 203 23.98 20.40 20.37
CA GLU D 203 25.10 19.99 19.52
C GLU D 203 26.36 19.33 20.20
N GLY D 204 26.13 18.46 21.18
CA GLY D 204 27.26 17.77 21.81
C GLY D 204 27.82 18.52 23.01
N SER D 205 27.36 19.74 23.18
CA SER D 205 27.82 20.59 24.23
C SER D 205 26.71 21.22 25.13
N THR D 206 26.99 21.33 26.41
CA THR D 206 25.98 21.74 27.40
C THR D 206 26.20 22.99 28.23
N VAL D 207 25.18 23.86 28.25
CA VAL D 207 25.26 25.10 29.03
C VAL D 207 24.12 24.95 30.05
N GLU D 208 24.45 25.17 31.33
CA GLU D 208 23.51 24.97 32.41
C GLU D 208 23.16 25.99 33.48
N LYS D 209 21.87 26.10 33.82
CA LYS D 209 21.39 26.91 34.94
C LYS D 209 20.65 26.24 36.09
N THR D 210 21.00 26.75 37.29
CA THR D 210 20.54 26.25 38.57
C THR D 210 19.80 27.34 39.32
N MET D 211 18.60 27.02 39.82
CA MET D 211 17.79 27.97 40.62
C MET D 211 17.53 27.38 42.01
N ALA D 212 17.75 28.14 43.08
CA ALA D 212 17.50 27.59 44.42
C ALA D 212 16.43 28.33 45.26
N HIS D 213 15.47 27.57 45.81
CA HIS D 213 14.39 28.13 46.63
C HIS D 213 14.91 28.84 47.88
N ALA D 214 15.93 28.24 48.47
CA ALA D 214 16.52 28.74 49.68
C ALA D 214 17.19 30.08 49.37
C1 NAG E . -30.72 -22.17 -8.30
C2 NAG E . -30.57 -20.71 -8.71
C3 NAG E . -31.11 -19.55 -7.79
C4 NAG E . -32.53 -19.80 -7.25
C5 NAG E . -32.57 -21.23 -6.68
C6 NAG E . -33.99 -21.49 -6.13
C7 NAG E . -28.81 -19.78 -9.96
C8 NAG E . -28.32 -18.41 -9.58
N2 NAG E . -29.17 -20.51 -8.93
O3 NAG E . -31.11 -18.35 -8.58
O4 NAG E . -32.87 -18.82 -6.22
O5 NAG E . -32.15 -22.27 -7.73
O6 NAG E . -34.46 -20.47 -5.22
O7 NAG E . -28.90 -20.15 -11.14
C1 NAG F . -0.10 -31.20 -26.10
C2 NAG F . 1.25 -32.16 -26.07
C3 NAG F . 1.41 -32.90 -27.39
C4 NAG F . 0.16 -32.78 -28.27
C5 NAG F . -0.24 -31.29 -28.49
C6 NAG F . -1.71 -31.16 -28.74
C7 NAG F . 3.75 -32.01 -25.68
C8 NAG F . 4.53 -32.74 -26.81
N2 NAG F . 2.55 -31.41 -25.89
O3 NAG F . 1.71 -34.25 -27.15
O4 NAG F . 0.41 -33.41 -29.53
O5 NAG F . 0.04 -30.46 -27.32
O6 NAG F . -2.18 -32.26 -29.48
O7 NAG F . 4.31 -31.94 -24.57
C1 NAG G . -7.32 -19.01 2.86
C2 NAG G . -6.42 -19.85 3.94
C3 NAG G . -4.87 -19.71 3.74
C4 NAG G . -4.45 -19.87 2.29
C5 NAG G . -5.39 -19.08 1.30
C6 NAG G . -5.17 -19.51 -0.16
C7 NAG G . -7.73 -19.89 5.95
C8 NAG G . -8.62 -18.77 6.49
N2 NAG G . -6.65 -19.48 5.31
O3 NAG G . -4.16 -20.67 4.52
O4 NAG G . -3.11 -19.41 2.16
O5 NAG G . -6.84 -19.31 1.55
O6 NAG G . -3.85 -19.99 -0.42
O7 NAG G . -8.03 -21.08 6.12
C1 NAG H . -33.09 -11.29 8.96
C2 NAG H . -33.13 -10.28 10.37
C3 NAG H . -33.97 -10.70 11.68
C4 NAG H . -35.19 -11.55 11.26
C5 NAG H . -34.86 -12.41 10.02
C6 NAG H . -36.00 -13.22 9.53
C7 NAG H . -32.51 -7.95 11.14
C8 NAG H . -31.98 -7.52 12.53
N2 NAG H . -32.15 -9.17 10.66
O3 NAG H . -34.48 -9.52 12.34
O4 NAG H . -35.63 -12.36 12.35
O5 NAG H . -34.45 -11.63 8.87
O6 NAG H . -35.59 -14.00 8.41
O7 NAG H . -33.23 -7.12 10.52
#